data_3EUC
#
_entry.id   3EUC
#
_cell.length_a   76.579
_cell.length_b   93.433
_cell.length_c   111.341
_cell.angle_alpha   90.000
_cell.angle_beta   90.000
_cell.angle_gamma   90.000
#
_symmetry.space_group_name_H-M   'P 21 21 21'
#
loop_
_entity.id
_entity.type
_entity.pdbx_description
1 polymer 'Histidinol-phosphate aminotransferase 2'
2 non-polymer 'SULFATE ION'
3 non-polymer GLYCEROL
4 water water
#
_entity_poly.entity_id   1
_entity_poly.type   'polypeptide(L)'
_entity_poly.pdbx_seq_one_letter_code
;G(MSE)SVVDPSLIERIIRDDVRA(MSE)GAYHVPDSHGLVKLDA(MSE)ENPYRLPPALRSELAARLGEVALNRYPVPS
SEALRAKLKEV(MSE)QVPAG(MSE)EVLLGNGSDEIIS(MSE)LALAAARPGAKV(MSE)APVPGFV(MSE)YA(MSE)
SAQFAGLEFVGVPLRADFTLDRGA(MSE)LAA(MSE)AEHQPAIVYLAYPNNPTGNLFDAAD(MSE)EAIVRAAQGSVCR
SLVVVDEAYQPFAQESW(MSE)SRLTDFGNLLV(MSE)RTVSKLGLAGIRLGYVAGDPQWLEQLDKVRPPYNVNVLTEAT
ALFALEHVAVLDEQAAQLRAERSRVAEG(MSE)AAHGGVTVFPSAANFLLARVPDAAQTFDRLLARKVLIKNVSK(MSE)
HPLLANCLRVTVSTPEENAQFLEAFAASLQD
;
_entity_poly.pdbx_strand_id   A,B
#
# COMPACT_ATOMS: atom_id res chain seq x y z
N SER A 3 21.33 -3.70 -22.55
CA SER A 3 20.46 -4.44 -21.56
C SER A 3 20.99 -5.88 -21.38
N VAL A 4 21.12 -6.29 -20.11
CA VAL A 4 21.59 -7.65 -19.73
C VAL A 4 20.43 -8.54 -19.13
N VAL A 5 19.18 -8.08 -19.32
CA VAL A 5 17.98 -8.78 -18.87
C VAL A 5 17.76 -10.07 -19.68
N ASP A 6 17.29 -11.10 -18.97
CA ASP A 6 16.95 -12.39 -19.54
C ASP A 6 15.42 -12.35 -19.59
N PRO A 7 14.82 -12.12 -20.79
CA PRO A 7 13.34 -12.04 -20.85
C PRO A 7 12.59 -13.29 -20.38
N SER A 8 13.22 -14.46 -20.47
CA SER A 8 12.60 -15.69 -19.96
C SER A 8 12.51 -15.69 -18.43
N LEU A 9 13.40 -14.96 -17.75
CA LEU A 9 13.34 -14.82 -16.28
C LEU A 9 12.14 -13.95 -15.90
N ILE A 10 11.91 -12.87 -16.66
CA ILE A 10 10.76 -12.01 -16.46
C ILE A 10 9.45 -12.82 -16.64
N GLU A 11 9.42 -13.67 -17.68
CA GLU A 11 8.30 -14.59 -17.96
C GLU A 11 8.09 -15.57 -16.81
N ARG A 12 9.19 -16.06 -16.25
CA ARG A 12 9.12 -16.97 -15.12
C ARG A 12 8.70 -16.31 -13.79
N ILE A 13 9.13 -15.07 -13.55
CA ILE A 13 8.89 -14.38 -12.25
C ILE A 13 7.57 -13.62 -12.16
N ILE A 14 7.21 -12.88 -13.20
CA ILE A 14 5.98 -12.09 -13.22
C ILE A 14 4.78 -12.98 -13.60
N ARG A 15 3.64 -12.76 -12.92
CA ARG A 15 2.37 -13.47 -13.22
C ARG A 15 1.97 -13.32 -14.68
N ASP A 16 1.45 -14.39 -15.28
CA ASP A 16 0.97 -14.39 -16.70
C ASP A 16 -0.09 -13.32 -16.91
N ASP A 17 -1.00 -13.19 -15.93
CA ASP A 17 -2.08 -12.19 -16.04
C ASP A 17 -1.56 -10.76 -15.92
N VAL A 18 -0.44 -10.54 -15.23
CA VAL A 18 0.20 -9.21 -15.14
C VAL A 18 0.90 -8.92 -16.47
N ARG A 19 1.65 -9.89 -17.02
CA ARG A 19 2.29 -9.72 -18.33
C ARG A 19 1.28 -9.62 -19.48
N ALA A 20 0.14 -10.32 -19.36
CA ALA A 20 -0.97 -10.27 -20.33
C ALA A 20 -1.52 -8.86 -20.47
N GLY A 22 -1.82 -4.86 -20.81
CA GLY A 22 -1.07 -3.85 -21.54
C GLY A 22 -0.73 -2.72 -20.57
N ALA A 23 -0.21 -1.63 -21.13
CA ALA A 23 0.18 -0.44 -20.36
C ALA A 23 -0.94 0.07 -19.42
N TYR A 24 -0.83 -0.28 -18.14
CA TYR A 24 -1.75 0.19 -17.08
C TYR A 24 -1.63 1.72 -16.91
N HIS A 25 -0.42 2.25 -17.14
CA HIS A 25 -0.12 3.68 -17.16
C HIS A 25 0.58 4.01 -18.49
N VAL A 26 0.00 4.94 -19.25
CA VAL A 26 0.53 5.44 -20.53
C VAL A 26 1.14 6.84 -20.23
N PRO A 27 2.29 7.20 -20.87
CA PRO A 27 2.95 8.52 -20.60
C PRO A 27 2.11 9.79 -20.86
N ASP A 28 2.23 10.79 -19.97
CA ASP A 28 1.50 12.08 -20.08
C ASP A 28 2.00 12.97 -21.22
N SER A 29 1.43 12.80 -22.42
CA SER A 29 1.77 13.61 -23.60
C SER A 29 0.90 14.89 -23.69
N HIS A 30 1.31 15.80 -24.60
CA HIS A 30 0.62 17.10 -24.79
C HIS A 30 -0.80 16.92 -25.34
N GLY A 31 -1.79 17.35 -24.54
CA GLY A 31 -3.20 17.26 -24.88
C GLY A 31 -3.89 15.93 -24.59
N LEU A 32 -3.22 14.99 -23.90
CA LEU A 32 -3.81 13.65 -23.61
C LEU A 32 -4.85 13.73 -22.48
N VAL A 33 -6.09 13.32 -22.79
CA VAL A 33 -7.21 13.35 -21.85
C VAL A 33 -7.38 11.94 -21.29
N LYS A 34 -7.10 11.79 -20.00
CA LYS A 34 -7.16 10.49 -19.33
C LYS A 34 -8.46 10.28 -18.56
N LEU A 35 -9.24 9.29 -19.04
CA LEU A 35 -10.52 8.90 -18.48
C LEU A 35 -10.49 7.38 -18.27
N ASP A 36 -9.36 6.90 -17.74
CA ASP A 36 -9.09 5.49 -17.57
C ASP A 36 -8.92 4.98 -16.14
N ALA A 37 -8.85 5.87 -15.16
CA ALA A 37 -8.56 5.48 -13.78
C ALA A 37 -9.67 5.85 -12.84
N GLU A 39 -10.56 7.79 -10.25
CA GLU A 39 -10.13 9.06 -9.67
C GLU A 39 -11.16 10.14 -9.94
N ASN A 40 -11.24 11.12 -9.04
CA ASN A 40 -12.16 12.26 -9.12
C ASN A 40 -11.36 13.44 -9.70
N PRO A 41 -11.60 13.82 -10.98
CA PRO A 41 -10.86 14.97 -11.55
C PRO A 41 -11.21 16.36 -10.98
N TYR A 42 -12.35 16.46 -10.27
CA TYR A 42 -12.82 17.71 -9.70
C TYR A 42 -11.99 18.20 -8.52
N ARG A 43 -11.56 19.46 -8.63
CA ARG A 43 -10.82 20.13 -7.57
CA ARG A 43 -10.81 20.17 -7.60
C ARG A 43 -11.82 20.90 -6.71
N LEU A 44 -11.40 21.23 -5.50
CA LEU A 44 -12.23 21.99 -4.56
C LEU A 44 -12.26 23.46 -4.98
N PRO A 45 -13.11 24.29 -4.34
CA PRO A 45 -13.01 25.74 -4.60
C PRO A 45 -11.66 26.27 -4.05
N PRO A 46 -11.03 27.27 -4.73
CA PRO A 46 -9.75 27.87 -4.26
C PRO A 46 -9.63 28.14 -2.75
N ALA A 47 -10.71 28.69 -2.16
CA ALA A 47 -10.81 28.98 -0.73
C ALA A 47 -10.59 27.74 0.15
N LEU A 48 -11.16 26.61 -0.27
CA LEU A 48 -11.01 25.33 0.45
C LEU A 48 -9.66 24.67 0.12
N ARG A 49 -9.25 24.71 -1.15
CA ARG A 49 -7.91 24.24 -1.61
C ARG A 49 -6.74 24.82 -0.80
N SER A 50 -6.73 26.14 -0.63
CA SER A 50 -5.67 26.82 0.14
C SER A 50 -5.77 26.57 1.65
N GLU A 51 -6.98 26.35 2.15
CA GLU A 51 -7.22 26.01 3.55
C GLU A 51 -6.68 24.57 3.82
N LEU A 52 -6.89 23.67 2.86
CA LEU A 52 -6.37 22.28 2.96
C LEU A 52 -4.86 22.26 2.84
N ALA A 53 -4.32 22.98 1.85
CA ALA A 53 -2.86 23.11 1.64
C ALA A 53 -2.18 23.67 2.89
N ALA A 54 -2.83 24.64 3.54
CA ALA A 54 -2.35 25.21 4.79
C ALA A 54 -2.33 24.18 5.91
N ARG A 55 -3.43 23.42 6.04
CA ARG A 55 -3.56 22.41 7.12
C ARG A 55 -2.58 21.23 6.95
N LEU A 56 -2.42 20.76 5.72
CA LEU A 56 -1.50 19.65 5.42
C LEU A 56 -0.02 20.08 5.52
N GLY A 57 0.29 21.29 5.05
CA GLY A 57 1.63 21.86 5.15
C GLY A 57 2.05 21.99 6.61
N GLU A 58 1.14 22.50 7.44
CA GLU A 58 1.36 22.64 8.88
C GLU A 58 1.53 21.25 9.54
N VAL A 59 0.68 20.29 9.17
CA VAL A 59 0.80 18.90 9.69
C VAL A 59 2.12 18.23 9.24
N ALA A 60 2.58 18.55 8.02
CA ALA A 60 3.86 18.06 7.50
C ALA A 60 5.02 18.58 8.34
N LEU A 61 5.04 19.91 8.50
CA LEU A 61 6.09 20.60 9.26
C LEU A 61 5.95 20.54 10.79
N ASN A 62 4.98 19.78 11.32
CA ASN A 62 4.71 19.65 12.78
C ASN A 62 4.31 20.99 13.44
N ARG A 63 3.55 21.81 12.69
CA ARG A 63 3.04 23.12 13.12
C ARG A 63 1.62 22.96 13.67
N TYR A 64 0.79 22.20 12.95
CA TYR A 64 -0.59 21.84 13.37
C TYR A 64 -0.49 20.49 14.11
N PRO A 65 -1.45 20.21 15.04
CA PRO A 65 -1.38 18.97 15.84
C PRO A 65 -1.66 17.66 15.04
N VAL A 66 -1.24 16.54 15.64
CA VAL A 66 -1.39 15.20 15.05
C VAL A 66 -2.89 14.81 14.92
N PRO A 67 -3.34 14.35 13.72
CA PRO A 67 -4.75 13.94 13.63
C PRO A 67 -4.98 12.63 14.42
N SER A 68 -5.70 12.74 15.55
CA SER A 68 -5.99 11.61 16.43
C SER A 68 -6.91 10.62 15.73
N SER A 69 -6.54 9.33 15.77
CA SER A 69 -7.35 8.25 15.17
C SER A 69 -8.72 8.13 15.85
N GLU A 70 -8.74 8.26 17.18
CA GLU A 70 -10.00 8.24 17.96
C GLU A 70 -10.95 9.38 17.52
N ALA A 71 -10.37 10.56 17.25
CA ALA A 71 -11.11 11.72 16.73
C ALA A 71 -11.64 11.47 15.32
N LEU A 72 -10.81 10.88 14.46
CA LEU A 72 -11.19 10.56 13.07
C LEU A 72 -12.29 9.49 13.03
N ARG A 73 -12.15 8.43 13.82
CA ARG A 73 -13.19 7.40 13.94
C ARG A 73 -14.52 7.95 14.47
N ALA A 74 -14.45 8.82 15.47
CA ALA A 74 -15.64 9.46 16.04
C ALA A 74 -16.35 10.36 15.02
N LYS A 75 -15.57 11.04 14.17
CA LYS A 75 -16.13 11.91 13.12
C LYS A 75 -16.78 11.10 12.02
N LEU A 76 -16.17 9.97 11.66
CA LEU A 76 -16.74 9.05 10.68
C LEU A 76 -18.11 8.54 11.12
N LYS A 77 -18.20 8.08 12.36
CA LYS A 77 -19.45 7.58 12.96
C LYS A 77 -20.60 8.58 12.87
N GLU A 78 -20.28 9.83 13.22
CA GLU A 78 -21.19 10.97 13.18
C GLU A 78 -21.62 11.28 11.75
N VAL A 79 -20.63 11.54 10.89
CA VAL A 79 -20.89 11.94 9.50
C VAL A 79 -21.55 10.83 8.70
N GLN A 81 -23.26 8.20 9.92
CA GLN A 81 -24.38 7.62 10.65
C GLN A 81 -24.18 6.12 10.89
N VAL A 82 -23.01 5.81 11.47
CA VAL A 82 -22.67 4.44 11.82
C VAL A 82 -23.65 4.11 12.94
N PRO A 83 -24.44 3.02 12.82
CA PRO A 83 -25.38 2.69 13.88
C PRO A 83 -24.78 2.53 15.28
N ALA A 84 -25.62 2.74 16.31
CA ALA A 84 -25.21 2.60 17.70
C ALA A 84 -24.73 1.16 17.95
N GLY A 85 -23.63 1.04 18.70
CA GLY A 85 -23.03 -0.26 19.01
C GLY A 85 -21.98 -0.74 18.05
N GLU A 87 -18.57 -0.45 15.60
CA GLU A 87 -17.22 0.08 15.71
C GLU A 87 -16.76 0.45 14.29
N VAL A 88 -15.79 1.34 14.19
CA VAL A 88 -15.14 1.67 12.91
C VAL A 88 -13.66 1.33 13.05
N LEU A 89 -13.07 0.76 12.01
CA LEU A 89 -11.64 0.45 11.96
C LEU A 89 -11.05 1.13 10.70
N LEU A 90 -9.93 1.85 10.86
CA LEU A 90 -9.28 2.64 9.78
C LEU A 90 -8.20 1.87 9.03
N GLY A 91 -7.94 2.29 7.80
CA GLY A 91 -6.89 1.69 6.98
C GLY A 91 -6.32 2.60 5.90
N ASN A 92 -5.19 2.16 5.35
CA ASN A 92 -4.56 2.77 4.19
C ASN A 92 -5.28 2.23 2.98
N GLY A 93 -6.34 2.90 2.57
CA GLY A 93 -7.13 2.50 1.40
C GLY A 93 -7.97 1.27 1.63
N SER A 94 -8.75 0.90 0.61
CA SER A 94 -9.61 -0.27 0.74
C SER A 94 -8.80 -1.58 0.68
N ASP A 95 -7.67 -1.60 -0.06
CA ASP A 95 -6.86 -2.81 -0.27
CA ASP A 95 -6.84 -2.80 -0.27
C ASP A 95 -6.29 -3.40 1.01
N GLU A 96 -5.83 -2.55 1.91
CA GLU A 96 -5.31 -2.97 3.20
C GLU A 96 -6.38 -3.69 4.04
N ILE A 97 -7.58 -3.11 4.06
CA ILE A 97 -8.72 -3.65 4.81
C ILE A 97 -9.13 -5.02 4.21
N ILE A 98 -9.21 -5.09 2.89
CA ILE A 98 -9.51 -6.38 2.21
C ILE A 98 -8.44 -7.44 2.56
N SER A 99 -7.18 -7.03 2.55
CA SER A 99 -6.07 -7.93 2.89
C SER A 99 -6.10 -8.34 4.36
N LEU A 101 -8.79 -8.53 6.28
CA LEU A 101 -9.94 -9.44 6.35
C LEU A 101 -9.58 -10.83 5.91
N ALA A 102 -9.01 -10.94 4.70
CA ALA A 102 -8.58 -12.21 4.15
C ALA A 102 -7.59 -12.89 5.09
N LEU A 103 -6.60 -12.14 5.58
CA LEU A 103 -5.59 -12.68 6.48
C LEU A 103 -6.20 -13.19 7.80
N ALA A 104 -7.07 -12.40 8.42
CA ALA A 104 -7.78 -12.79 9.65
C ALA A 104 -8.54 -14.11 9.49
N ALA A 105 -9.05 -14.36 8.29
CA ALA A 105 -9.80 -15.57 7.90
C ALA A 105 -8.97 -16.65 7.19
N ALA A 106 -7.63 -16.53 7.18
CA ALA A 106 -6.75 -17.44 6.44
C ALA A 106 -6.56 -18.73 7.24
N ARG A 107 -7.62 -19.52 7.25
CA ARG A 107 -7.67 -20.82 7.93
C ARG A 107 -7.46 -21.86 6.88
N PRO A 108 -7.06 -23.08 7.28
CA PRO A 108 -6.86 -24.13 6.26
C PRO A 108 -8.12 -24.34 5.42
N GLY A 109 -7.97 -24.31 4.09
CA GLY A 109 -9.08 -24.44 3.15
C GLY A 109 -10.07 -23.27 3.02
N ALA A 110 -9.82 -22.13 3.67
CA ALA A 110 -10.74 -20.97 3.61
C ALA A 110 -10.83 -20.44 2.18
N LYS A 111 -12.04 -20.08 1.77
CA LYS A 111 -12.31 -19.57 0.42
C LYS A 111 -13.02 -18.23 0.49
N VAL A 112 -12.75 -17.41 -0.53
CA VAL A 112 -13.36 -16.10 -0.71
C VAL A 112 -14.19 -16.27 -1.98
N ALA A 114 -16.82 -14.07 -4.73
CA ALA A 114 -17.27 -12.74 -5.19
C ALA A 114 -17.83 -12.86 -6.57
N PRO A 115 -18.81 -11.99 -6.93
CA PRO A 115 -19.27 -11.99 -8.33
C PRO A 115 -18.19 -11.57 -9.34
N VAL A 116 -18.25 -12.13 -10.53
CA VAL A 116 -17.31 -11.76 -11.60
C VAL A 116 -18.08 -11.43 -12.87
N PRO A 117 -17.63 -10.42 -13.65
CA PRO A 117 -16.48 -9.51 -13.49
C PRO A 117 -16.67 -8.60 -12.29
N GLY A 118 -15.61 -8.41 -11.52
CA GLY A 118 -15.68 -7.70 -10.24
C GLY A 118 -14.42 -6.97 -9.83
N PHE A 119 -14.47 -6.33 -8.66
CA PHE A 119 -13.38 -5.43 -8.19
C PHE A 119 -11.96 -5.94 -8.41
N VAL A 120 -11.67 -7.12 -7.85
CA VAL A 120 -10.34 -7.72 -7.95
C VAL A 120 -10.28 -8.45 -9.30
N TYR A 122 -7.42 -9.08 -11.30
CA TYR A 122 -6.20 -9.89 -11.48
C TYR A 122 -5.66 -10.34 -10.12
N ALA A 123 -4.92 -11.46 -10.11
CA ALA A 123 -4.27 -12.01 -8.91
C ALA A 123 -5.20 -12.04 -7.70
N SER A 125 -6.63 -14.43 -5.60
CA SER A 125 -6.11 -15.19 -4.42
C SER A 125 -4.97 -14.41 -3.68
N ALA A 126 -4.09 -13.79 -4.47
CA ALA A 126 -3.01 -12.91 -3.99
C ALA A 126 -3.59 -11.69 -3.25
N GLN A 127 -4.66 -11.11 -3.81
CA GLN A 127 -5.32 -9.96 -3.16
C GLN A 127 -6.24 -10.37 -1.98
N PHE A 128 -6.41 -11.69 -1.78
CA PHE A 128 -7.14 -12.28 -0.65
C PHE A 128 -6.25 -13.22 0.18
N ALA A 129 -5.05 -12.75 0.54
CA ALA A 129 -4.09 -13.46 1.43
C ALA A 129 -3.87 -14.95 1.18
N GLY A 130 -3.88 -15.35 -0.08
CA GLY A 130 -3.72 -16.76 -0.45
C GLY A 130 -4.96 -17.65 -0.35
N LEU A 131 -6.10 -17.11 0.11
CA LEU A 131 -7.35 -17.89 0.20
C LEU A 131 -7.78 -18.24 -1.24
N GLU A 132 -8.35 -19.43 -1.42
CA GLU A 132 -8.86 -19.84 -2.73
C GLU A 132 -9.98 -18.88 -3.12
N PHE A 133 -9.94 -18.36 -4.34
CA PHE A 133 -10.96 -17.45 -4.84
C PHE A 133 -11.95 -18.24 -5.65
N VAL A 134 -13.24 -17.96 -5.46
CA VAL A 134 -14.34 -18.60 -6.24
C VAL A 134 -15.15 -17.46 -6.87
N GLY A 135 -15.06 -17.32 -8.18
CA GLY A 135 -15.76 -16.27 -8.89
C GLY A 135 -17.07 -16.79 -9.41
N VAL A 136 -18.17 -16.11 -9.10
CA VAL A 136 -19.49 -16.54 -9.65
C VAL A 136 -19.90 -15.53 -10.72
N PRO A 137 -20.08 -15.97 -11.98
CA PRO A 137 -20.47 -15.03 -13.02
C PRO A 137 -21.77 -14.24 -12.74
N LEU A 138 -21.70 -12.94 -12.98
CA LEU A 138 -22.91 -12.10 -12.99
C LEU A 138 -23.67 -12.50 -14.25
N ARG A 139 -24.91 -12.04 -14.38
CA ARG A 139 -25.67 -12.26 -15.62
C ARG A 139 -25.04 -11.41 -16.75
N ALA A 140 -25.40 -11.72 -18.00
CA ALA A 140 -24.91 -11.00 -19.19
C ALA A 140 -25.11 -9.46 -19.07
N ASP A 141 -26.20 -9.06 -18.41
CA ASP A 141 -26.51 -7.65 -18.13
C ASP A 141 -25.86 -7.12 -16.84
N PHE A 142 -24.96 -7.91 -16.24
CA PHE A 142 -24.20 -7.58 -15.02
C PHE A 142 -24.98 -7.51 -13.72
N THR A 143 -26.23 -8.01 -13.73
CA THR A 143 -27.07 -8.10 -12.54
C THR A 143 -26.60 -9.33 -11.77
N LEU A 144 -26.79 -9.30 -10.46
CA LEU A 144 -26.40 -10.38 -9.57
C LEU A 144 -27.36 -11.54 -9.76
N ASP A 145 -26.79 -12.72 -9.95
CA ASP A 145 -27.55 -13.95 -10.21
C ASP A 145 -27.77 -14.64 -8.88
N ARG A 146 -28.91 -14.38 -8.23
CA ARG A 146 -29.23 -14.92 -6.89
C ARG A 146 -29.09 -16.44 -6.79
N GLY A 147 -29.67 -17.16 -7.75
CA GLY A 147 -29.62 -18.61 -7.76
C GLY A 147 -28.22 -19.16 -7.94
N ALA A 148 -27.44 -18.51 -8.83
CA ALA A 148 -26.06 -18.95 -9.09
C ALA A 148 -25.21 -18.72 -7.85
N LEU A 150 -26.32 -18.54 -4.70
CA LEU A 150 -26.79 -19.50 -3.69
C LEU A 150 -26.28 -20.94 -3.94
N ALA A 151 -26.29 -21.37 -5.20
CA ALA A 151 -25.78 -22.69 -5.59
C ALA A 151 -24.25 -22.83 -5.32
N ALA A 152 -23.48 -21.81 -5.72
CA ALA A 152 -22.03 -21.80 -5.51
C ALA A 152 -21.71 -21.74 -4.00
N ALA A 154 -23.61 -23.03 -1.55
CA ALA A 154 -23.89 -24.38 -1.06
C ALA A 154 -22.76 -25.38 -1.37
N GLU A 155 -22.32 -25.39 -2.63
CA GLU A 155 -21.27 -26.28 -3.15
CA GLU A 155 -21.28 -26.33 -3.09
C GLU A 155 -19.90 -26.02 -2.53
N HIS A 156 -19.49 -24.74 -2.49
CA HIS A 156 -18.14 -24.35 -2.04
C HIS A 156 -17.94 -23.96 -0.61
N GLN A 157 -19.01 -23.58 0.12
CA GLN A 157 -18.88 -23.22 1.54
C GLN A 157 -17.76 -22.21 1.79
N PRO A 158 -17.88 -21.00 1.20
CA PRO A 158 -16.85 -19.97 1.46
C PRO A 158 -16.83 -19.40 2.88
N ALA A 159 -15.69 -18.82 3.21
CA ALA A 159 -15.47 -18.16 4.48
C ALA A 159 -15.97 -16.73 4.36
N ILE A 160 -15.66 -16.08 3.23
CA ILE A 160 -16.04 -14.69 2.98
C ILE A 160 -16.75 -14.51 1.64
N VAL A 161 -17.85 -13.75 1.64
CA VAL A 161 -18.52 -13.34 0.40
C VAL A 161 -18.33 -11.81 0.30
N TYR A 162 -17.72 -11.37 -0.81
CA TYR A 162 -17.43 -9.95 -1.07
CA TYR A 162 -17.46 -9.92 -1.04
C TYR A 162 -18.43 -9.44 -2.11
N LEU A 163 -19.14 -8.34 -1.82
CA LEU A 163 -20.09 -7.75 -2.76
C LEU A 163 -19.77 -6.26 -2.94
N ALA A 164 -19.21 -5.89 -4.10
CA ALA A 164 -18.92 -4.49 -4.42
C ALA A 164 -20.24 -3.76 -4.70
N TYR A 165 -20.42 -2.59 -4.09
CA TYR A 165 -21.67 -1.83 -4.15
C TYR A 165 -21.42 -0.29 -4.23
N PRO A 166 -21.30 0.27 -5.46
CA PRO A 166 -21.42 -0.33 -6.78
C PRO A 166 -20.23 -1.19 -7.23
N ASN A 167 -20.44 -2.00 -8.26
CA ASN A 167 -19.41 -2.89 -8.78
C ASN A 167 -18.49 -2.21 -9.79
N ASN A 168 -17.22 -2.61 -9.79
CA ASN A 168 -16.19 -2.16 -10.73
C ASN A 168 -15.82 -3.42 -11.55
N PRO A 169 -15.85 -3.35 -12.89
CA PRO A 169 -16.07 -2.23 -13.82
C PRO A 169 -17.49 -1.98 -14.34
N THR A 170 -18.49 -2.73 -13.87
CA THR A 170 -19.84 -2.68 -14.43
C THR A 170 -20.71 -1.49 -13.99
N GLY A 171 -20.38 -0.88 -12.85
CA GLY A 171 -21.04 0.31 -12.35
C GLY A 171 -22.32 0.22 -11.56
N ASN A 172 -22.99 -0.92 -11.66
CA ASN A 172 -24.32 -1.12 -11.12
C ASN A 172 -24.37 -1.49 -9.63
N LEU A 173 -25.49 -1.12 -9.03
CA LEU A 173 -25.84 -1.48 -7.65
C LEU A 173 -26.62 -2.76 -7.81
N PHE A 174 -26.15 -3.83 -7.18
CA PHE A 174 -26.85 -5.12 -7.25
C PHE A 174 -28.21 -4.99 -6.57
N ASP A 175 -29.14 -5.86 -6.98
CA ASP A 175 -30.50 -5.89 -6.43
C ASP A 175 -30.43 -6.09 -4.92
N ALA A 176 -30.96 -5.14 -4.13
CA ALA A 176 -30.88 -5.16 -2.67
C ALA A 176 -31.49 -6.42 -2.04
N ALA A 177 -32.62 -6.89 -2.57
CA ALA A 177 -33.29 -8.13 -2.10
C ALA A 177 -32.37 -9.37 -2.30
N ASP A 178 -31.81 -9.52 -3.50
CA ASP A 178 -30.85 -10.59 -3.78
C ASP A 178 -29.68 -10.59 -2.78
N GLU A 180 -29.62 -9.23 0.34
CA GLU A 180 -30.14 -9.59 1.67
C GLU A 180 -30.29 -11.10 1.80
N ALA A 181 -30.82 -11.72 0.75
CA ALA A 181 -30.98 -13.18 0.68
C ALA A 181 -29.63 -13.88 0.85
N ILE A 182 -28.60 -13.36 0.17
CA ILE A 182 -27.23 -13.84 0.25
C ILE A 182 -26.70 -13.68 1.69
N VAL A 183 -26.87 -12.48 2.27
CA VAL A 183 -26.45 -12.25 3.66
C VAL A 183 -27.10 -13.24 4.64
N ARG A 184 -28.42 -13.45 4.54
CA ARG A 184 -29.14 -14.40 5.42
C ARG A 184 -28.70 -15.85 5.18
N ALA A 185 -28.59 -16.25 3.91
CA ALA A 185 -28.13 -17.59 3.52
C ALA A 185 -26.76 -17.96 4.10
N ALA A 186 -25.86 -16.98 4.15
CA ALA A 186 -24.51 -17.13 4.68
C ALA A 186 -24.46 -17.24 6.21
N GLN A 187 -25.58 -16.98 6.91
CA GLN A 187 -25.65 -17.15 8.37
C GLN A 187 -25.75 -18.60 8.84
N GLY A 188 -26.09 -19.52 7.94
CA GLY A 188 -26.16 -20.92 8.29
C GLY A 188 -26.97 -21.82 7.38
N SER A 189 -28.11 -21.33 6.90
CA SER A 189 -29.02 -22.17 6.10
C SER A 189 -28.43 -22.74 4.80
N VAL A 190 -27.59 -21.96 4.11
CA VAL A 190 -26.90 -22.41 2.88
C VAL A 190 -25.41 -22.64 3.15
N CYS A 191 -24.77 -21.69 3.85
CA CYS A 191 -23.36 -21.77 4.18
C CYS A 191 -23.08 -20.92 5.41
N ARG A 192 -21.81 -20.81 5.79
CA ARG A 192 -21.39 -20.09 6.99
C ARG A 192 -20.31 -19.08 6.61
N SER A 193 -20.71 -17.83 6.32
CA SER A 193 -19.81 -16.78 5.85
C SER A 193 -19.98 -15.37 6.40
N LEU A 194 -18.85 -14.65 6.49
CA LEU A 194 -18.85 -13.21 6.70
C LEU A 194 -19.13 -12.58 5.33
N VAL A 195 -20.10 -11.68 5.25
CA VAL A 195 -20.45 -10.97 4.01
C VAL A 195 -19.94 -9.53 4.14
N VAL A 196 -19.14 -9.12 3.16
CA VAL A 196 -18.55 -7.78 3.16
C VAL A 196 -19.12 -7.03 1.97
N VAL A 197 -19.81 -5.92 2.24
CA VAL A 197 -20.32 -5.03 1.20
C VAL A 197 -19.25 -3.93 1.07
N ASP A 198 -18.59 -3.91 -0.09
CA ASP A 198 -17.53 -2.93 -0.40
C ASP A 198 -18.11 -1.73 -1.18
N GLU A 199 -18.22 -0.58 -0.49
CA GLU A 199 -18.73 0.66 -1.07
C GLU A 199 -17.63 1.67 -1.44
N ALA A 200 -16.41 1.18 -1.71
CA ALA A 200 -15.25 2.00 -2.10
C ALA A 200 -15.45 2.84 -3.38
N TYR A 201 -16.26 2.33 -4.33
CA TYR A 201 -16.58 3.06 -5.59
C TYR A 201 -17.91 3.81 -5.51
N GLN A 202 -18.39 4.10 -4.31
CA GLN A 202 -19.69 4.73 -4.11
C GLN A 202 -19.46 6.20 -3.84
N PRO A 203 -20.01 7.09 -4.71
CA PRO A 203 -19.88 8.54 -4.45
C PRO A 203 -20.62 8.96 -3.17
N PHE A 204 -20.23 10.09 -2.59
CA PHE A 204 -20.81 10.57 -1.30
C PHE A 204 -22.33 10.74 -1.34
N ALA A 205 -22.97 10.69 -0.17
CA ALA A 205 -24.43 10.91 0.00
C ALA A 205 -25.33 10.03 -0.89
N GLN A 206 -24.97 8.75 -1.00
CA GLN A 206 -25.71 7.77 -1.83
C GLN A 206 -26.26 6.65 -0.92
N GLU A 207 -27.10 5.80 -1.50
CA GLU A 207 -27.69 4.67 -0.76
C GLU A 207 -26.58 3.69 -0.26
N SER A 208 -26.41 3.66 1.06
CA SER A 208 -25.42 2.85 1.77
C SER A 208 -26.07 1.70 2.55
N TRP A 209 -25.26 0.66 2.77
CA TRP A 209 -25.60 -0.53 3.57
C TRP A 209 -25.23 -0.34 5.03
N SER A 211 -26.58 1.33 7.41
CA SER A 211 -27.74 1.14 8.31
C SER A 211 -28.16 -0.35 8.46
N ARG A 212 -27.82 -1.19 7.48
CA ARG A 212 -28.10 -2.64 7.53
C ARG A 212 -27.21 -3.40 8.54
N LEU A 213 -26.19 -2.75 9.12
CA LEU A 213 -25.38 -3.34 10.20
C LEU A 213 -26.24 -3.70 11.41
N THR A 214 -27.26 -2.88 11.68
CA THR A 214 -28.31 -3.15 12.70
C THR A 214 -29.14 -4.41 12.43
N ASP A 215 -29.22 -4.84 11.17
CA ASP A 215 -30.10 -5.93 10.74
C ASP A 215 -29.45 -7.28 10.47
N PHE A 216 -28.11 -7.33 10.38
CA PHE A 216 -27.39 -8.55 10.04
C PHE A 216 -26.12 -8.74 10.87
N GLY A 217 -26.02 -9.87 11.56
CA GLY A 217 -24.87 -10.16 12.40
C GLY A 217 -23.60 -10.60 11.70
N ASN A 218 -23.70 -10.99 10.41
CA ASN A 218 -22.55 -11.42 9.59
C ASN A 218 -22.24 -10.43 8.47
N LEU A 219 -22.45 -9.14 8.73
CA LEU A 219 -22.24 -8.11 7.72
C LEU A 219 -21.19 -7.12 8.15
N LEU A 220 -20.28 -6.80 7.22
CA LEU A 220 -19.35 -5.66 7.39
C LEU A 220 -19.52 -4.74 6.17
N VAL A 221 -19.42 -3.44 6.40
CA VAL A 221 -19.54 -2.43 5.36
C VAL A 221 -18.24 -1.62 5.31
N ARG A 223 -15.81 1.29 3.17
CA ARG A 223 -15.86 2.48 2.35
C ARG A 223 -14.48 3.15 2.35
N THR A 224 -14.36 4.23 1.59
CA THR A 224 -13.18 5.09 1.56
C THR A 224 -13.63 6.55 1.60
N VAL A 225 -12.74 7.43 2.06
CA VAL A 225 -12.94 8.90 2.08
C VAL A 225 -12.13 9.48 0.91
N SER A 226 -12.65 10.54 0.27
CA SER A 226 -11.95 11.18 -0.85
C SER A 226 -10.56 11.66 -0.47
N LYS A 227 -9.64 11.56 -1.42
CA LYS A 227 -8.27 12.04 -1.25
C LYS A 227 -8.12 13.53 -1.65
N LEU A 228 -9.23 14.16 -2.07
CA LEU A 228 -9.31 15.60 -2.36
C LEU A 228 -8.26 16.12 -3.38
N GLY A 229 -8.08 15.33 -4.45
CA GLY A 229 -7.18 15.66 -5.57
C GLY A 229 -5.71 15.91 -5.29
N LEU A 230 -5.20 15.46 -4.14
CA LEU A 230 -3.78 15.64 -3.77
C LEU A 230 -2.92 14.36 -3.95
N ALA A 231 -3.50 13.35 -4.65
CA ALA A 231 -2.87 12.06 -4.87
C ALA A 231 -2.64 11.38 -3.50
N GLY A 232 -1.94 10.25 -3.50
CA GLY A 232 -1.65 9.56 -2.25
C GLY A 232 -2.66 8.46 -1.98
N ILE A 233 -2.87 8.20 -0.69
CA ILE A 233 -3.70 7.11 -0.18
C ILE A 233 -5.01 7.63 0.41
N ARG A 234 -6.13 7.10 -0.06
CA ARG A 234 -7.44 7.38 0.53
C ARG A 234 -7.53 6.67 1.85
N LEU A 235 -8.20 7.28 2.82
CA LEU A 235 -8.48 6.60 4.09
C LEU A 235 -9.50 5.53 3.74
N GLY A 236 -9.23 4.30 4.17
CA GLY A 236 -10.18 3.19 4.02
C GLY A 236 -10.75 2.98 5.41
N TYR A 237 -11.97 2.47 5.47
CA TYR A 237 -12.57 2.12 6.76
C TYR A 237 -13.61 1.04 6.59
N VAL A 238 -13.82 0.30 7.68
CA VAL A 238 -14.80 -0.78 7.74
C VAL A 238 -15.60 -0.57 9.02
N ALA A 239 -16.92 -0.71 8.92
CA ALA A 239 -17.83 -0.58 10.02
C ALA A 239 -18.53 -1.92 10.29
N GLY A 240 -18.74 -2.21 11.57
CA GLY A 240 -19.38 -3.45 11.95
C GLY A 240 -19.31 -3.72 13.42
N ASP A 241 -19.78 -4.90 13.82
CA ASP A 241 -19.84 -5.26 15.22
C ASP A 241 -18.46 -5.41 15.83
N PRO A 242 -18.26 -4.91 17.07
CA PRO A 242 -16.98 -5.10 17.76
C PRO A 242 -16.44 -6.54 17.83
N GLN A 243 -17.30 -7.58 17.78
CA GLN A 243 -16.83 -8.97 17.80
C GLN A 243 -16.09 -9.35 16.51
N TRP A 244 -16.46 -8.70 15.41
CA TRP A 244 -15.77 -8.90 14.13
C TRP A 244 -14.52 -8.02 14.08
N LEU A 245 -14.71 -6.73 14.28
CA LEU A 245 -13.60 -5.78 14.16
C LEU A 245 -12.45 -5.95 15.12
N GLU A 246 -12.72 -6.39 16.34
CA GLU A 246 -11.67 -6.61 17.35
C GLU A 246 -10.70 -7.72 16.95
N GLN A 247 -11.21 -8.71 16.23
CA GLN A 247 -10.38 -9.75 15.67
C GLN A 247 -9.57 -9.20 14.50
N LEU A 248 -10.26 -8.56 13.55
CA LEU A 248 -9.64 -7.98 12.35
C LEU A 248 -8.47 -7.01 12.66
N ASP A 249 -8.60 -6.25 13.73
CA ASP A 249 -7.57 -5.29 14.12
C ASP A 249 -6.26 -5.95 14.62
N LYS A 250 -6.29 -7.23 14.95
CA LYS A 250 -5.10 -7.95 15.38
C LYS A 250 -4.13 -8.31 14.25
N VAL A 251 -4.60 -8.28 13.00
CA VAL A 251 -3.76 -8.63 11.83
C VAL A 251 -3.34 -7.40 10.98
N ARG A 252 -3.42 -6.21 11.55
CA ARG A 252 -2.97 -4.97 10.89
C ARG A 252 -1.46 -5.06 10.57
N PRO A 253 -1.01 -4.53 9.41
CA PRO A 253 0.45 -4.55 9.13
C PRO A 253 1.26 -3.72 10.14
N PRO A 254 2.60 -3.88 10.15
CA PRO A 254 3.45 -3.19 11.13
C PRO A 254 3.74 -1.72 10.73
N TYR A 255 2.64 -0.98 10.57
CA TYR A 255 2.60 0.43 10.21
C TYR A 255 1.15 0.92 10.33
N ASN A 256 1.01 2.17 10.74
CA ASN A 256 -0.30 2.79 10.97
C ASN A 256 -0.78 3.57 9.72
N VAL A 257 -1.91 4.26 9.86
CA VAL A 257 -2.46 5.10 8.78
C VAL A 257 -1.69 6.43 8.83
N ASN A 258 -1.09 6.83 7.71
CA ASN A 258 -0.27 8.05 7.68
C ASN A 258 -1.06 9.34 7.99
N VAL A 259 -0.35 10.32 8.54
CA VAL A 259 -0.96 11.55 9.02
C VAL A 259 -1.58 12.47 7.97
N LEU A 260 -1.07 12.46 6.74
CA LEU A 260 -1.64 13.30 5.67
C LEU A 260 -3.01 12.76 5.25
N THR A 261 -3.10 11.43 5.12
CA THR A 261 -4.35 10.73 4.78
C THR A 261 -5.42 11.01 5.84
N GLU A 262 -5.01 10.93 7.11
CA GLU A 262 -5.88 11.20 8.24
C GLU A 262 -6.33 12.64 8.29
N ALA A 263 -5.40 13.58 8.13
CA ALA A 263 -5.72 15.01 8.10
C ALA A 263 -6.60 15.36 6.89
N THR A 264 -6.31 14.77 5.74
CA THR A 264 -7.08 15.02 4.52
C THR A 264 -8.50 14.48 4.64
N ALA A 265 -8.62 13.25 5.17
CA ALA A 265 -9.93 12.62 5.37
C ALA A 265 -10.73 13.45 6.38
N LEU A 266 -10.09 13.89 7.45
CA LEU A 266 -10.78 14.72 8.43
C LEU A 266 -11.38 15.95 7.73
N PHE A 267 -10.56 16.67 6.95
CA PHE A 267 -11.00 17.86 6.20
C PHE A 267 -12.20 17.55 5.28
N ALA A 268 -12.12 16.44 4.56
CA ALA A 268 -13.22 15.95 3.70
C ALA A 268 -14.52 15.85 4.50
N LEU A 269 -14.44 15.14 5.63
CA LEU A 269 -15.57 14.92 6.56
C LEU A 269 -16.17 16.20 7.12
N GLU A 270 -15.32 17.20 7.33
CA GLU A 270 -15.73 18.52 7.80
C GLU A 270 -16.26 19.46 6.71
N HIS A 271 -16.27 19.03 5.44
CA HIS A 271 -16.79 19.81 4.30
C HIS A 271 -17.69 18.94 3.41
N VAL A 272 -18.66 18.30 4.07
CA VAL A 272 -19.63 17.41 3.41
C VAL A 272 -20.57 18.13 2.44
N ALA A 273 -20.91 19.38 2.74
CA ALA A 273 -21.74 20.22 1.85
C ALA A 273 -21.05 20.39 0.49
N VAL A 274 -19.75 20.70 0.53
CA VAL A 274 -18.94 20.87 -0.70
C VAL A 274 -18.79 19.54 -1.44
N LEU A 275 -18.48 18.48 -0.70
CA LEU A 275 -18.38 17.13 -1.27
C LEU A 275 -19.73 16.62 -1.82
N ASP A 276 -20.85 17.06 -1.21
CA ASP A 276 -22.20 16.77 -1.75
C ASP A 276 -22.42 17.49 -3.07
N GLU A 277 -21.89 18.72 -3.17
CA GLU A 277 -21.96 19.52 -4.41
C GLU A 277 -21.25 18.78 -5.53
N GLN A 278 -20.01 18.34 -5.30
CA GLN A 278 -19.22 17.60 -6.30
CA GLN A 278 -19.21 17.62 -6.31
C GLN A 278 -19.96 16.39 -6.80
N ALA A 279 -20.47 15.58 -5.86
CA ALA A 279 -21.25 14.35 -6.15
C ALA A 279 -22.44 14.63 -7.06
N ALA A 280 -23.13 15.74 -6.81
CA ALA A 280 -24.26 16.16 -7.63
C ALA A 280 -23.82 16.58 -9.03
N GLN A 281 -22.71 17.33 -9.11
CA GLN A 281 -22.16 17.78 -10.39
C GLN A 281 -21.69 16.57 -11.22
N LEU A 282 -21.07 15.60 -10.57
CA LEU A 282 -20.65 14.36 -11.24
C LEU A 282 -21.83 13.51 -11.73
N ARG A 283 -22.91 13.48 -10.95
CA ARG A 283 -24.14 12.77 -11.33
C ARG A 283 -24.74 13.37 -12.61
N ALA A 284 -24.81 14.70 -12.69
CA ALA A 284 -25.28 15.41 -13.87
C ALA A 284 -24.38 15.13 -15.08
N GLU A 285 -23.06 15.24 -14.88
CA GLU A 285 -22.08 14.92 -15.93
C GLU A 285 -22.11 13.47 -16.38
N ARG A 286 -22.24 12.54 -15.45
CA ARG A 286 -22.37 11.10 -15.79
C ARG A 286 -23.55 10.88 -16.71
N SER A 287 -24.67 11.56 -16.44
CA SER A 287 -25.87 11.44 -17.28
C SER A 287 -25.62 11.94 -18.69
N ARG A 288 -24.97 13.10 -18.83
CA ARG A 288 -24.65 13.66 -20.14
C ARG A 288 -23.72 12.76 -20.94
N VAL A 289 -22.71 12.21 -20.27
CA VAL A 289 -21.77 11.29 -20.91
C VAL A 289 -22.52 10.01 -21.32
N ALA A 290 -23.34 9.47 -20.42
CA ALA A 290 -24.13 8.23 -20.73
C ALA A 290 -25.09 8.43 -21.90
N GLU A 291 -25.80 9.57 -21.88
CA GLU A 291 -26.75 9.93 -22.95
C GLU A 291 -26.03 10.09 -24.30
N GLY A 292 -24.89 10.76 -24.28
CA GLY A 292 -24.07 10.98 -25.47
C GLY A 292 -23.59 9.68 -26.10
N ALA A 294 -24.87 6.63 -25.51
CA ALA A 294 -26.08 5.85 -25.77
C ALA A 294 -26.77 6.20 -27.08
N ALA A 295 -26.64 7.46 -27.51
CA ALA A 295 -27.23 7.91 -28.78
C ALA A 295 -26.65 7.24 -30.04
N HIS A 296 -25.57 6.47 -29.91
CA HIS A 296 -24.92 5.84 -31.08
C HIS A 296 -25.34 4.40 -31.40
N GLY A 297 -25.23 4.07 -32.68
CA GLY A 297 -25.51 2.77 -33.23
C GLY A 297 -24.59 1.67 -32.70
N GLY A 298 -25.20 0.66 -32.09
CA GLY A 298 -24.47 -0.49 -31.60
C GLY A 298 -23.81 -0.37 -30.25
N VAL A 299 -24.05 0.74 -29.54
CA VAL A 299 -23.53 1.00 -28.22
C VAL A 299 -24.60 0.71 -27.15
N THR A 300 -24.18 0.00 -26.11
CA THR A 300 -24.99 -0.28 -24.93
C THR A 300 -24.24 0.37 -23.79
N VAL A 301 -24.84 1.37 -23.15
CA VAL A 301 -24.26 2.00 -21.95
C VAL A 301 -24.95 1.30 -20.78
N PHE A 302 -24.21 0.61 -19.93
CA PHE A 302 -24.80 -0.14 -18.82
C PHE A 302 -25.11 0.77 -17.62
N PRO A 303 -26.16 0.46 -16.83
CA PRO A 303 -26.55 1.31 -15.67
C PRO A 303 -25.40 1.51 -14.69
N SER A 304 -25.25 2.73 -14.18
CA SER A 304 -24.16 3.07 -13.25
C SER A 304 -24.54 4.01 -12.10
N ALA A 305 -24.06 3.66 -10.90
CA ALA A 305 -24.15 4.49 -9.68
C ALA A 305 -22.74 4.95 -9.26
N ALA A 306 -21.74 4.79 -10.13
CA ALA A 306 -20.33 5.11 -9.83
C ALA A 306 -19.85 6.34 -10.61
N ASN A 307 -18.58 6.74 -10.43
CA ASN A 307 -17.99 7.86 -11.19
CA ASN A 307 -17.95 7.85 -11.18
C ASN A 307 -17.44 7.42 -12.56
N PHE A 308 -17.90 6.26 -13.06
CA PHE A 308 -17.52 5.71 -14.35
C PHE A 308 -18.70 5.02 -14.99
N LEU A 309 -18.56 4.76 -16.28
CA LEU A 309 -19.55 4.10 -17.11
C LEU A 309 -18.85 3.02 -17.91
N LEU A 310 -19.48 1.84 -17.98
CA LEU A 310 -19.07 0.74 -18.81
C LEU A 310 -20.00 0.80 -20.02
N ALA A 311 -19.45 0.60 -21.22
CA ALA A 311 -20.20 0.57 -22.45
C ALA A 311 -19.68 -0.51 -23.37
N ARG A 312 -20.59 -1.30 -23.95
CA ARG A 312 -20.25 -2.28 -24.98
CA ARG A 312 -20.22 -2.27 -24.97
C ARG A 312 -20.37 -1.55 -26.31
N VAL A 313 -19.35 -1.70 -27.17
CA VAL A 313 -19.30 -1.10 -28.50
C VAL A 313 -19.12 -2.22 -29.56
N PRO A 314 -19.36 -1.93 -30.86
CA PRO A 314 -19.10 -2.98 -31.87
C PRO A 314 -17.69 -3.60 -31.85
N ASP A 315 -16.67 -2.76 -31.68
CA ASP A 315 -15.27 -3.18 -31.67
C ASP A 315 -14.45 -2.36 -30.67
N ALA A 316 -14.30 -2.89 -29.45
CA ALA A 316 -13.58 -2.18 -28.36
C ALA A 316 -12.10 -1.86 -28.64
N ALA A 317 -11.38 -2.85 -29.18
CA ALA A 317 -9.95 -2.70 -29.53
C ALA A 317 -9.76 -1.55 -30.52
N GLN A 318 -10.62 -1.52 -31.54
CA GLN A 318 -10.61 -0.49 -32.58
C GLN A 318 -10.97 0.88 -32.01
N THR A 319 -12.06 0.93 -31.25
CA THR A 319 -12.51 2.18 -30.60
C THR A 319 -11.44 2.73 -29.66
N PHE A 320 -10.79 1.87 -28.88
CA PHE A 320 -9.70 2.27 -27.97
C PHE A 320 -8.56 3.00 -28.70
N ASP A 321 -8.10 2.39 -29.79
CA ASP A 321 -7.02 2.95 -30.60
C ASP A 321 -7.41 4.24 -31.27
N ARG A 322 -8.62 4.29 -31.80
CA ARG A 322 -9.14 5.50 -32.45
C ARG A 322 -9.30 6.63 -31.46
N LEU A 323 -9.69 6.33 -30.22
CA LEU A 323 -9.79 7.35 -29.16
C LEU A 323 -8.40 7.87 -28.79
N LEU A 324 -7.46 6.94 -28.58
CA LEU A 324 -6.07 7.28 -28.25
C LEU A 324 -5.40 8.05 -29.38
N ALA A 325 -5.76 7.72 -30.64
CA ALA A 325 -5.33 8.48 -31.82
C ALA A 325 -5.83 9.94 -31.81
N ARG A 326 -6.90 10.19 -31.05
CA ARG A 326 -7.45 11.52 -30.81
C ARG A 326 -7.06 12.06 -29.42
N LYS A 327 -6.01 11.50 -28.82
CA LYS A 327 -5.50 11.88 -27.50
C LYS A 327 -6.51 11.72 -26.35
N VAL A 328 -7.31 10.66 -26.39
CA VAL A 328 -8.28 10.35 -25.32
C VAL A 328 -8.01 8.94 -24.85
N LEU A 329 -7.67 8.76 -23.58
CA LEU A 329 -7.38 7.44 -23.01
C LEU A 329 -8.50 6.96 -22.06
N ILE A 330 -9.12 5.84 -22.41
CA ILE A 330 -10.09 5.14 -21.56
C ILE A 330 -9.51 3.75 -21.22
N LYS A 331 -10.30 2.92 -20.54
CA LYS A 331 -9.87 1.60 -20.11
C LYS A 331 -10.55 0.56 -20.96
N ASN A 332 -9.76 -0.27 -21.59
CA ASN A 332 -10.30 -1.39 -22.33
C ASN A 332 -10.31 -2.60 -21.34
N VAL A 333 -11.50 -2.93 -20.84
CA VAL A 333 -11.69 -4.07 -19.94
C VAL A 333 -12.12 -5.34 -20.70
N SER A 334 -12.03 -5.34 -22.02
CA SER A 334 -12.53 -6.46 -22.84
C SER A 334 -11.95 -7.83 -22.57
N LYS A 335 -10.65 -7.88 -22.33
CA LYS A 335 -9.95 -9.15 -22.10
C LYS A 335 -10.01 -9.65 -20.64
N HIS A 337 -12.59 -10.55 -18.68
CA HIS A 337 -13.59 -11.56 -18.43
C HIS A 337 -14.44 -11.74 -19.69
N PRO A 338 -14.89 -12.98 -20.00
CA PRO A 338 -15.79 -13.25 -21.13
C PRO A 338 -17.03 -12.33 -21.26
N LEU A 339 -17.66 -11.99 -20.13
CA LEU A 339 -18.85 -11.13 -20.11
C LEU A 339 -18.55 -9.66 -20.44
N LEU A 340 -17.27 -9.27 -20.37
CA LEU A 340 -16.81 -7.92 -20.72
C LEU A 340 -16.37 -7.80 -22.20
N ALA A 341 -16.66 -8.81 -23.05
CA ALA A 341 -16.30 -8.76 -24.48
C ALA A 341 -16.76 -7.44 -25.12
N ASN A 342 -15.85 -6.73 -25.74
CA ASN A 342 -16.10 -5.46 -26.40
C ASN A 342 -16.58 -4.33 -25.52
N CYS A 343 -16.16 -4.33 -24.25
CA CYS A 343 -16.53 -3.29 -23.27
C CYS A 343 -15.37 -2.35 -22.93
N LEU A 344 -15.70 -1.07 -22.78
CA LEU A 344 -14.79 -0.01 -22.39
C LEU A 344 -15.35 0.64 -21.13
N ARG A 345 -14.47 1.14 -20.26
CA ARG A 345 -14.87 1.79 -19.03
C ARG A 345 -14.35 3.21 -19.07
N VAL A 346 -15.28 4.16 -19.07
CA VAL A 346 -14.96 5.57 -19.16
C VAL A 346 -15.19 6.22 -17.81
N THR A 347 -14.20 6.98 -17.35
CA THR A 347 -14.26 7.72 -16.09
C THR A 347 -14.85 9.09 -16.37
N VAL A 348 -15.86 9.47 -15.60
CA VAL A 348 -16.56 10.73 -15.77
C VAL A 348 -15.61 11.82 -15.23
N SER A 349 -15.38 12.85 -16.03
CA SER A 349 -14.46 13.92 -15.70
C SER A 349 -15.15 15.27 -15.70
N THR A 350 -14.36 16.32 -15.93
CA THR A 350 -14.86 17.68 -15.97
C THR A 350 -15.69 17.87 -17.23
N PRO A 351 -16.61 18.85 -17.25
CA PRO A 351 -17.41 19.15 -18.44
C PRO A 351 -16.60 19.30 -19.74
N GLU A 352 -15.46 20.01 -19.67
CA GLU A 352 -14.59 20.23 -20.83
C GLU A 352 -14.04 18.88 -21.34
N GLU A 353 -13.48 18.08 -20.46
CA GLU A 353 -12.94 16.76 -20.84
C GLU A 353 -14.00 15.77 -21.34
N ASN A 354 -15.19 15.82 -20.73
CA ASN A 354 -16.32 14.99 -21.15
C ASN A 354 -16.78 15.32 -22.57
N ALA A 355 -16.78 16.62 -22.89
CA ALA A 355 -17.15 17.09 -24.22
C ALA A 355 -16.15 16.61 -25.27
N GLN A 356 -14.85 16.66 -24.94
CA GLN A 356 -13.77 16.14 -25.81
C GLN A 356 -13.93 14.64 -25.98
N PHE A 357 -14.14 13.91 -24.88
CA PHE A 357 -14.38 12.46 -24.98
C PHE A 357 -15.55 12.11 -25.92
N LEU A 358 -16.69 12.77 -25.70
CA LEU A 358 -17.91 12.53 -26.47
C LEU A 358 -17.74 12.71 -28.00
N GLU A 359 -17.02 13.77 -28.41
CA GLU A 359 -16.73 14.01 -29.82
C GLU A 359 -15.80 12.94 -30.40
N ALA A 360 -14.73 12.62 -29.66
CA ALA A 360 -13.75 11.62 -30.06
C ALA A 360 -14.39 10.24 -30.10
N PHE A 361 -15.26 9.96 -29.13
CA PHE A 361 -16.02 8.71 -29.07
C PHE A 361 -16.95 8.58 -30.28
N ALA A 362 -17.74 9.63 -30.54
CA ALA A 362 -18.63 9.64 -31.71
C ALA A 362 -17.86 9.39 -33.02
N ALA A 363 -16.68 10.00 -33.16
CA ALA A 363 -15.88 9.88 -34.39
C ALA A 363 -15.25 8.50 -34.53
N SER A 364 -14.76 7.98 -33.41
CA SER A 364 -14.14 6.63 -33.33
C SER A 364 -15.09 5.52 -33.71
N LEU A 365 -16.38 5.68 -33.43
CA LEU A 365 -17.39 4.68 -33.80
C LEU A 365 -17.71 4.62 -35.30
N GLN A 366 -17.37 5.64 -36.08
CA GLN A 366 -17.69 5.66 -37.52
C GLN A 366 -16.70 4.76 -38.26
N ASP A 367 -17.21 3.80 -39.03
CA ASP A 367 -16.39 2.86 -39.80
C ASP A 367 -16.41 3.22 -41.28
N GLY B 1 -29.82 -15.30 16.15
CA GLY B 1 -30.79 -14.50 15.35
C GLY B 1 -30.22 -13.88 14.07
N SER B 3 -30.15 -10.65 13.14
CA SER B 3 -29.51 -9.34 13.35
C SER B 3 -28.36 -9.25 14.37
N VAL B 4 -28.06 -10.35 15.05
CA VAL B 4 -27.07 -10.38 16.10
C VAL B 4 -25.93 -11.32 15.72
N VAL B 5 -24.72 -11.00 16.18
CA VAL B 5 -23.56 -11.81 15.89
C VAL B 5 -23.71 -13.22 16.50
N ASP B 6 -23.35 -14.21 15.68
CA ASP B 6 -23.28 -15.58 16.10
C ASP B 6 -21.80 -15.76 16.49
N PRO B 7 -21.52 -15.98 17.79
CA PRO B 7 -20.13 -16.14 18.21
C PRO B 7 -19.47 -17.45 17.69
N SER B 8 -20.26 -18.45 17.32
CA SER B 8 -19.73 -19.67 16.65
C SER B 8 -19.36 -19.38 15.19
N LEU B 9 -19.93 -18.34 14.58
CA LEU B 9 -19.58 -17.94 13.21
C LEU B 9 -18.23 -17.22 13.25
N ILE B 10 -18.03 -16.38 14.27
CA ILE B 10 -16.73 -15.71 14.50
C ILE B 10 -15.64 -16.79 14.64
N GLU B 11 -15.97 -17.80 15.43
CA GLU B 11 -15.09 -18.92 15.73
C GLU B 11 -14.73 -19.70 14.44
N ARG B 12 -15.72 -19.93 13.57
CA ARG B 12 -15.53 -20.65 12.30
C ARG B 12 -14.70 -19.87 11.27
N ILE B 13 -14.92 -18.57 11.17
CA ILE B 13 -14.28 -17.74 10.14
C ILE B 13 -12.90 -17.25 10.53
N ILE B 14 -12.78 -16.71 11.74
CA ILE B 14 -11.53 -16.11 12.18
C ILE B 14 -10.56 -17.20 12.65
N ARG B 15 -9.29 -17.03 12.31
CA ARG B 15 -8.23 -17.94 12.71
C ARG B 15 -8.17 -18.15 14.21
N ASP B 16 -7.89 -19.40 14.58
CA ASP B 16 -7.76 -19.83 15.97
C ASP B 16 -6.69 -19.02 16.68
N ASP B 17 -5.55 -18.83 16.03
CA ASP B 17 -4.44 -18.05 16.62
C ASP B 17 -4.73 -16.55 16.74
N VAL B 18 -5.50 -15.98 15.81
CA VAL B 18 -5.96 -14.59 15.92
C VAL B 18 -6.91 -14.42 17.13
N ARG B 19 -7.87 -15.33 17.27
CA ARG B 19 -8.79 -15.30 18.42
C ARG B 19 -8.04 -15.46 19.75
N ALA B 20 -6.99 -16.27 19.76
CA ALA B 20 -6.15 -16.48 20.95
C ALA B 20 -5.29 -15.27 21.28
N GLY B 22 -4.30 -11.38 22.08
CA GLY B 22 -4.90 -10.28 22.82
C GLY B 22 -5.26 -9.15 21.85
N ALA B 23 -6.17 -8.28 22.27
CA ALA B 23 -6.61 -7.14 21.43
C ALA B 23 -5.48 -6.19 21.08
N TYR B 24 -5.57 -5.56 19.90
CA TYR B 24 -4.60 -4.55 19.46
C TYR B 24 -4.85 -3.28 20.31
N HIS B 25 -3.91 -2.96 21.20
CA HIS B 25 -3.99 -1.77 22.07
C HIS B 25 -2.88 -0.82 21.64
N VAL B 26 -3.29 0.30 21.03
CA VAL B 26 -2.36 1.34 20.58
C VAL B 26 -1.68 2.00 21.82
N PRO B 27 -0.34 1.83 21.96
CA PRO B 27 0.32 2.41 23.14
C PRO B 27 0.61 3.89 22.90
N ASP B 28 0.38 4.73 23.92
CA ASP B 28 0.67 6.17 23.78
C ASP B 28 2.19 6.39 23.98
N SER B 29 2.80 7.07 23.00
CA SER B 29 4.21 7.46 23.06
C SER B 29 4.33 8.93 23.53
N HIS B 30 3.28 9.46 24.19
CA HIS B 30 3.26 10.82 24.71
C HIS B 30 4.23 10.88 25.90
N GLY B 31 5.08 11.91 25.90
CA GLY B 31 6.09 12.14 26.94
C GLY B 31 7.39 11.34 26.85
N LEU B 32 7.47 10.36 25.94
CA LEU B 32 8.64 9.49 25.79
C LEU B 32 9.62 9.98 24.75
N VAL B 33 10.91 9.72 25.00
CA VAL B 33 11.96 9.95 24.00
C VAL B 33 11.84 8.70 23.16
N LYS B 34 11.43 8.84 21.89
CA LYS B 34 11.14 7.71 20.98
C LYS B 34 12.34 7.35 20.09
N LEU B 35 13.02 6.25 20.43
CA LEU B 35 14.20 5.77 19.72
C LEU B 35 13.97 4.32 19.28
N ASP B 36 12.75 4.05 18.86
CA ASP B 36 12.31 2.73 18.44
C ASP B 36 11.90 2.66 16.97
N ALA B 37 11.93 3.79 16.25
CA ALA B 37 11.47 3.86 14.86
C ALA B 37 12.56 4.24 13.90
N GLU B 39 13.42 6.71 11.91
CA GLU B 39 13.30 8.17 11.68
C GLU B 39 14.65 8.83 12.05
N ASN B 40 14.97 9.99 11.44
CA ASN B 40 16.21 10.76 11.76
C ASN B 40 15.91 12.00 12.60
N TYR B 42 15.47 15.14 12.95
CA TYR B 42 14.96 16.19 12.06
C TYR B 42 16.06 17.25 11.84
N ARG B 43 16.05 18.34 12.63
CA ARG B 43 17.09 19.40 12.64
C ARG B 43 17.31 20.23 11.34
N LEU B 44 16.22 20.64 10.67
CA LEU B 44 16.32 21.42 9.41
C LEU B 44 16.46 22.92 9.75
N PRO B 45 17.46 23.64 9.17
CA PRO B 45 17.65 25.08 9.52
C PRO B 45 16.49 26.01 9.10
N PRO B 46 16.34 27.19 9.77
CA PRO B 46 15.23 28.13 9.50
C PRO B 46 14.99 28.54 8.04
N ALA B 47 16.06 28.93 7.32
CA ALA B 47 15.97 29.37 5.92
C ALA B 47 15.35 28.29 5.02
N LEU B 48 15.88 27.07 5.12
CA LEU B 48 15.35 25.92 4.35
C LEU B 48 13.94 25.52 4.80
N ARG B 49 13.68 25.60 6.11
CA ARG B 49 12.36 25.25 6.65
C ARG B 49 11.25 26.16 6.06
N SER B 50 11.53 27.45 5.87
CA SER B 50 10.57 28.39 5.26
C SER B 50 10.49 28.14 3.74
N GLU B 51 11.65 27.92 3.10
CA GLU B 51 11.72 27.57 1.66
C GLU B 51 10.91 26.30 1.36
N LEU B 52 11.04 25.30 2.24
CA LEU B 52 10.28 24.05 2.14
C LEU B 52 8.80 24.31 2.38
N ALA B 53 8.49 25.09 3.41
CA ALA B 53 7.12 25.52 3.75
C ALA B 53 6.44 26.20 2.56
N ALA B 54 7.19 27.04 1.82
CA ALA B 54 6.73 27.72 0.60
C ALA B 54 6.35 26.70 -0.46
N ARG B 55 7.29 25.80 -0.76
CA ARG B 55 7.13 24.69 -1.71
C ARG B 55 5.90 23.82 -1.44
N LEU B 56 5.74 23.42 -0.18
CA LEU B 56 4.58 22.61 0.25
C LEU B 56 3.29 23.46 0.22
N GLY B 57 3.43 24.78 0.42
CA GLY B 57 2.32 25.73 0.32
C GLY B 57 1.80 25.82 -1.11
N GLU B 58 2.73 26.00 -2.07
CA GLU B 58 2.39 26.05 -3.50
C GLU B 58 1.77 24.71 -3.96
N VAL B 59 2.44 23.60 -3.64
CA VAL B 59 1.98 22.26 -3.99
C VAL B 59 0.79 21.88 -3.09
N SER B 68 5.09 17.04 -10.36
CA SER B 68 5.38 16.31 -11.59
C SER B 68 6.23 15.10 -11.27
N SER B 69 5.67 13.90 -11.41
CA SER B 69 6.42 12.65 -11.16
C SER B 69 7.60 12.50 -12.13
N GLU B 70 7.48 13.02 -13.35
CA GLU B 70 8.56 13.03 -14.35
C GLU B 70 9.75 13.83 -13.81
N ALA B 71 9.49 15.05 -13.35
CA ALA B 71 10.53 15.95 -12.80
C ALA B 71 11.26 15.32 -11.61
N LEU B 72 10.51 14.65 -10.75
CA LEU B 72 11.05 13.97 -9.57
C LEU B 72 11.86 12.76 -10.04
N ARG B 73 11.28 11.95 -10.94
CA ARG B 73 11.98 10.79 -11.54
C ARG B 73 13.29 11.21 -12.24
N ALA B 74 13.28 12.34 -12.96
CA ALA B 74 14.49 12.84 -13.62
C ALA B 74 15.56 13.27 -12.61
N LYS B 75 15.13 13.98 -11.56
CA LYS B 75 16.07 14.47 -10.52
C LYS B 75 16.66 13.31 -9.70
N LEU B 76 15.85 12.29 -9.44
CA LEU B 76 16.31 11.05 -8.78
C LEU B 76 17.41 10.37 -9.60
N LYS B 77 17.17 10.19 -10.90
CA LYS B 77 18.15 9.57 -11.80
C LYS B 77 19.45 10.38 -11.84
N GLU B 78 19.34 11.71 -11.94
CA GLU B 78 20.51 12.60 -11.94
C GLU B 78 21.35 12.51 -10.65
N VAL B 79 20.69 12.79 -9.51
CA VAL B 79 21.38 12.85 -8.21
C VAL B 79 21.91 11.50 -7.73
N GLN B 81 22.50 8.99 -9.72
CA GLN B 81 23.31 8.44 -10.80
C GLN B 81 22.78 7.07 -11.20
N VAL B 82 21.49 7.01 -11.49
CA VAL B 82 20.88 5.78 -11.96
C VAL B 82 21.55 5.53 -13.33
N PRO B 83 22.16 4.35 -13.53
CA PRO B 83 22.80 4.09 -14.82
C PRO B 83 21.96 4.29 -16.08
N ALA B 84 22.62 4.67 -17.16
CA ALA B 84 22.01 4.85 -18.49
C ALA B 84 21.16 3.63 -18.85
N GLY B 85 19.95 3.86 -19.33
CA GLY B 85 19.04 2.79 -19.70
C GLY B 85 18.13 2.24 -18.61
N GLU B 87 15.41 2.73 -15.33
CA GLU B 87 14.33 3.63 -14.97
CA GLU B 87 14.25 3.56 -14.97
C GLU B 87 14.04 3.55 -13.46
N VAL B 88 13.19 4.44 -12.97
CA VAL B 88 12.77 4.47 -11.55
C VAL B 88 11.23 4.39 -11.47
N LEU B 89 10.74 3.63 -10.50
CA LEU B 89 9.32 3.50 -10.21
C LEU B 89 9.15 4.05 -8.77
N LEU B 90 8.15 4.90 -8.54
CA LEU B 90 7.90 5.59 -7.26
C LEU B 90 6.81 4.94 -6.40
N GLY B 91 6.96 5.08 -5.09
CA GLY B 91 6.00 4.54 -4.13
C GLY B 91 6.05 5.16 -2.76
N ASN B 92 5.17 4.67 -1.91
CA ASN B 92 5.06 5.12 -0.51
C ASN B 92 5.99 4.26 0.33
N GLY B 93 7.19 4.79 0.55
CA GLY B 93 8.25 4.08 1.25
C GLY B 93 8.69 2.81 0.53
N SER B 94 9.55 2.04 1.19
CA SER B 94 9.96 0.72 0.72
C SER B 94 8.77 -0.23 0.81
N ASP B 95 7.92 -0.03 1.82
CA ASP B 95 6.72 -0.84 2.08
C ASP B 95 5.84 -1.07 0.86
N GLU B 96 5.42 -0.01 0.17
CA GLU B 96 4.56 -0.15 -1.01
C GLU B 96 5.28 -0.92 -2.12
N ILE B 97 6.56 -0.65 -2.31
CA ILE B 97 7.37 -1.31 -3.34
C ILE B 97 7.50 -2.81 -3.05
N ILE B 98 7.73 -3.16 -1.78
CA ILE B 98 7.80 -4.57 -1.34
C ILE B 98 6.46 -5.27 -1.60
N SER B 99 5.37 -4.60 -1.25
CA SER B 99 4.02 -5.15 -1.53
C SER B 99 3.76 -5.34 -3.00
N LEU B 101 5.95 -5.79 -5.43
CA LEU B 101 6.80 -6.89 -5.89
C LEU B 101 6.15 -8.23 -5.62
N ALA B 102 5.68 -8.41 -4.38
CA ALA B 102 5.00 -9.63 -3.96
C ALA B 102 3.77 -9.90 -4.82
N LEU B 103 2.98 -8.86 -5.10
CA LEU B 103 1.77 -9.01 -5.92
C LEU B 103 2.08 -9.38 -7.38
N ALA B 104 3.00 -8.64 -7.99
CA ALA B 104 3.46 -8.88 -9.38
C ALA B 104 4.07 -10.29 -9.59
N ALA B 105 4.77 -10.79 -8.56
CA ALA B 105 5.40 -12.13 -8.58
C ALA B 105 4.59 -13.23 -7.88
N ALA B 106 3.32 -12.96 -7.56
CA ALA B 106 2.48 -13.90 -6.81
C ALA B 106 1.96 -15.03 -7.66
N ARG B 107 2.83 -15.79 -8.32
CA ARG B 107 2.41 -16.96 -9.11
C ARG B 107 2.25 -18.14 -8.14
N PRO B 108 1.57 -19.24 -8.57
CA PRO B 108 1.46 -20.41 -7.70
C PRO B 108 2.84 -21.03 -7.41
N GLY B 109 3.16 -21.20 -6.13
CA GLY B 109 4.45 -21.75 -5.72
C GLY B 109 5.58 -20.73 -5.56
N ALA B 110 5.32 -19.46 -5.92
CA ALA B 110 6.31 -18.38 -5.83
C ALA B 110 6.68 -18.18 -4.38
N LYS B 111 7.98 -18.22 -4.08
CA LYS B 111 8.49 -18.02 -2.73
C LYS B 111 9.36 -16.75 -2.64
N VAL B 112 9.28 -16.06 -1.49
CA VAL B 112 10.10 -14.93 -1.18
C VAL B 112 11.13 -15.47 -0.17
N ALA B 114 14.77 -14.44 2.20
CA ALA B 114 15.60 -13.38 2.76
C ALA B 114 16.43 -13.95 3.91
N PRO B 115 17.63 -13.37 4.15
CA PRO B 115 18.34 -13.74 5.35
C PRO B 115 17.55 -13.22 6.55
N VAL B 116 17.56 -13.97 7.64
CA VAL B 116 16.81 -13.64 8.87
C VAL B 116 17.76 -13.67 10.03
N PRO B 117 17.60 -12.76 11.01
CA PRO B 117 16.60 -11.71 11.16
C PRO B 117 16.73 -10.59 10.10
N GLY B 118 15.59 -10.19 9.56
CA GLY B 118 15.45 -9.19 8.53
C GLY B 118 14.22 -8.30 8.75
N PHE B 119 14.06 -7.30 7.88
CA PHE B 119 12.93 -6.38 7.95
C PHE B 119 11.65 -7.24 7.90
N VAL B 120 10.76 -7.02 8.87
CA VAL B 120 9.48 -7.79 9.00
C VAL B 120 8.62 -7.85 7.72
N TYR B 122 9.45 -8.36 4.60
CA TYR B 122 9.76 -9.37 3.54
C TYR B 122 8.80 -10.57 3.73
N ALA B 123 8.77 -11.11 4.96
CA ALA B 123 7.86 -12.21 5.34
C ALA B 123 6.39 -11.79 5.32
N SER B 125 4.91 -9.20 3.59
CA SER B 125 4.45 -8.98 2.22
C SER B 125 4.09 -10.33 1.57
N ALA B 126 4.92 -11.35 1.82
CA ALA B 126 4.68 -12.70 1.30
C ALA B 126 3.38 -13.29 1.88
N GLN B 127 3.16 -13.11 3.19
CA GLN B 127 1.97 -13.62 3.88
C GLN B 127 0.69 -12.96 3.38
N PHE B 128 0.75 -11.64 3.22
CA PHE B 128 -0.38 -10.86 2.69
C PHE B 128 -0.72 -11.20 1.23
N ALA B 129 0.30 -11.64 0.45
CA ALA B 129 0.11 -12.07 -0.95
C ALA B 129 -0.14 -13.59 -1.08
N GLY B 130 -0.19 -14.31 0.04
CA GLY B 130 -0.37 -15.76 0.05
C GLY B 130 0.81 -16.56 -0.48
N LEU B 131 2.02 -16.04 -0.32
CA LEU B 131 3.25 -16.67 -0.80
C LEU B 131 4.05 -17.20 0.37
N GLU B 132 4.75 -18.30 0.13
CA GLU B 132 5.61 -18.89 1.14
C GLU B 132 6.86 -18.01 1.32
N PHE B 133 7.29 -17.91 2.56
CA PHE B 133 8.51 -17.20 2.89
C PHE B 133 9.54 -18.20 3.40
N VAL B 134 10.78 -18.08 2.91
CA VAL B 134 11.90 -18.92 3.32
C VAL B 134 12.93 -18.02 3.95
N GLY B 135 13.06 -18.10 5.29
CA GLY B 135 14.06 -17.36 6.05
C GLY B 135 15.31 -18.22 6.06
N VAL B 136 16.48 -17.63 5.81
CA VAL B 136 17.75 -18.34 5.85
C VAL B 136 18.54 -17.68 6.95
N PRO B 137 18.86 -18.41 8.04
CA PRO B 137 19.50 -17.68 9.12
C PRO B 137 20.85 -17.08 8.78
N LEU B 138 21.06 -15.88 9.29
CA LEU B 138 22.36 -15.26 9.28
C LEU B 138 23.20 -16.03 10.31
N ARG B 139 24.50 -15.75 10.37
CA ARG B 139 25.35 -16.38 11.38
C ARG B 139 25.04 -15.68 12.69
N ALA B 140 25.52 -16.23 13.82
CA ALA B 140 25.31 -15.62 15.15
C ALA B 140 25.80 -14.17 15.24
N ASP B 141 26.86 -13.85 14.47
CA ASP B 141 27.39 -12.47 14.39
C ASP B 141 26.65 -11.58 13.36
N PHE B 142 25.57 -12.12 12.77
CA PHE B 142 24.70 -11.46 11.78
C PHE B 142 25.30 -11.25 10.39
N THR B 143 26.39 -11.96 10.09
CA THR B 143 27.05 -11.90 8.79
C THR B 143 26.32 -12.90 7.89
N LEU B 144 26.30 -12.59 6.59
CA LEU B 144 25.61 -13.42 5.60
C LEU B 144 26.35 -14.73 5.40
N ASP B 145 25.60 -15.83 5.34
CA ASP B 145 26.15 -17.17 5.19
C ASP B 145 25.92 -17.56 3.73
N ARG B 146 26.93 -17.37 2.90
CA ARG B 146 26.83 -17.64 1.46
C ARG B 146 26.43 -19.08 1.17
N GLY B 147 27.10 -20.02 1.84
CA GLY B 147 26.84 -21.44 1.70
C GLY B 147 25.40 -21.80 2.00
N ALA B 148 24.87 -21.21 3.11
CA ALA B 148 23.48 -21.41 3.55
C ALA B 148 22.53 -20.84 2.51
N LEU B 150 23.05 -20.23 -0.73
CA LEU B 150 23.10 -21.02 -1.99
C LEU B 150 22.42 -22.37 -1.90
N ALA B 151 22.58 -23.04 -0.75
CA ALA B 151 21.92 -24.34 -0.51
C ALA B 151 20.41 -24.15 -0.46
N ALA B 152 19.97 -23.08 0.23
CA ALA B 152 18.54 -22.71 0.37
C ALA B 152 17.93 -22.39 -0.99
N ALA B 154 19.12 -23.36 -3.95
CA ALA B 154 19.10 -24.64 -4.70
C ALA B 154 17.89 -25.48 -4.35
N GLU B 155 17.63 -25.61 -3.04
CA GLU B 155 16.54 -26.45 -2.55
C GLU B 155 15.18 -25.87 -2.88
N HIS B 156 15.00 -24.61 -2.51
CA HIS B 156 13.68 -23.97 -2.58
C HIS B 156 13.30 -23.28 -3.86
N GLN B 157 14.28 -22.88 -4.67
CA GLN B 157 14.00 -22.19 -5.94
C GLN B 157 13.03 -21.00 -5.74
N PRO B 158 13.48 -19.96 -5.01
CA PRO B 158 12.64 -18.82 -4.75
C PRO B 158 12.45 -17.92 -5.98
N ALA B 159 11.40 -17.10 -5.96
CA ALA B 159 11.10 -16.15 -7.04
C ALA B 159 11.76 -14.80 -6.78
N ILE B 160 11.75 -14.39 -5.52
CA ILE B 160 12.35 -13.13 -5.08
C ILE B 160 13.31 -13.42 -3.94
N VAL B 161 14.45 -12.72 -3.92
CA VAL B 161 15.45 -12.77 -2.84
C VAL B 161 15.76 -11.32 -2.41
N TYR B 162 15.52 -10.97 -1.14
CA TYR B 162 15.83 -9.63 -0.60
C TYR B 162 17.18 -9.68 0.08
N LEU B 163 18.07 -8.77 -0.32
CA LEU B 163 19.41 -8.62 0.27
C LEU B 163 19.48 -7.19 0.76
N ALA B 164 19.21 -6.98 2.06
CA ALA B 164 19.25 -5.64 2.62
C ALA B 164 20.70 -5.14 2.72
N TYR B 165 20.87 -3.83 2.57
CA TYR B 165 22.21 -3.22 2.52
C TYR B 165 22.17 -1.77 2.98
N PRO B 166 22.23 -1.53 4.30
CA PRO B 166 22.42 -2.45 5.44
C PRO B 166 21.12 -3.09 5.94
N ASN B 167 21.27 -4.17 6.69
CA ASN B 167 20.14 -4.93 7.23
C ASN B 167 19.49 -4.30 8.50
N ASN B 168 18.16 -4.39 8.57
CA ASN B 168 17.29 -4.03 9.68
C ASN B 168 16.86 -5.40 10.28
N PRO B 169 17.09 -5.65 11.59
CA PRO B 169 17.62 -4.80 12.68
C PRO B 169 19.09 -4.89 13.05
N THR B 170 19.88 -5.68 12.33
CA THR B 170 21.26 -5.98 12.72
C THR B 170 22.22 -4.83 12.42
N GLY B 171 21.92 -4.02 11.38
CA GLY B 171 22.68 -2.78 11.09
C GLY B 171 23.85 -2.89 10.13
N ASN B 172 24.39 -4.09 9.99
CA ASN B 172 25.56 -4.36 9.18
C ASN B 172 25.32 -4.52 7.68
N LEU B 173 26.40 -4.24 6.95
CA LEU B 173 26.48 -4.40 5.52
C LEU B 173 27.00 -5.80 5.27
N PHE B 174 26.23 -6.61 4.55
CA PHE B 174 26.70 -7.95 4.23
C PHE B 174 27.92 -7.90 3.28
N ASP B 175 28.71 -8.97 3.28
CA ASP B 175 29.87 -9.14 2.38
C ASP B 175 29.47 -8.99 0.92
N ALA B 176 30.08 -8.03 0.22
CA ALA B 176 29.74 -7.73 -1.18
C ALA B 176 29.94 -8.89 -2.11
N ALA B 177 31.03 -9.64 -1.95
CA ALA B 177 31.32 -10.80 -2.81
C ALA B 177 30.28 -11.89 -2.68
N ASP B 178 29.86 -12.15 -1.45
CA ASP B 178 28.81 -13.12 -1.14
C ASP B 178 27.51 -12.72 -1.86
N GLU B 180 27.20 -10.65 -4.54
CA GLU B 180 27.35 -10.80 -6.01
C GLU B 180 27.22 -12.25 -6.45
N ALA B 181 27.75 -13.16 -5.63
CA ALA B 181 27.68 -14.58 -5.89
C ALA B 181 26.22 -15.05 -5.89
N ILE B 182 25.44 -14.53 -4.94
CA ILE B 182 24.00 -14.79 -4.80
C ILE B 182 23.22 -14.29 -6.01
N VAL B 183 23.51 -13.05 -6.44
CA VAL B 183 22.85 -12.42 -7.60
C VAL B 183 23.13 -13.26 -8.85
N ARG B 184 24.40 -13.61 -9.08
CA ARG B 184 24.76 -14.45 -10.24
CA ARG B 184 24.78 -14.45 -10.23
C ARG B 184 24.16 -15.84 -10.16
N ALA B 185 24.11 -16.44 -8.97
CA ALA B 185 23.51 -17.79 -8.81
C ALA B 185 22.02 -17.80 -9.15
N ALA B 186 21.35 -16.67 -8.89
CA ALA B 186 19.92 -16.47 -9.19
C ALA B 186 19.62 -16.22 -10.68
N GLN B 187 20.65 -16.16 -11.54
CA GLN B 187 20.47 -16.02 -12.99
C GLN B 187 20.20 -17.35 -13.69
N GLY B 188 20.36 -18.48 -12.97
CA GLY B 188 20.12 -19.80 -13.54
C GLY B 188 20.97 -20.95 -13.04
N SER B 189 22.23 -20.71 -12.65
CA SER B 189 23.13 -21.79 -12.21
C SER B 189 22.65 -22.53 -10.95
N VAL B 190 22.16 -21.79 -9.95
CA VAL B 190 21.58 -22.38 -8.72
C VAL B 190 20.06 -22.25 -8.74
N CYS B 191 19.55 -21.07 -9.09
CA CYS B 191 18.09 -20.90 -9.22
C CYS B 191 17.76 -19.77 -10.20
N ARG B 192 16.47 -19.42 -10.29
CA ARG B 192 15.98 -18.37 -11.19
CA ARG B 192 15.96 -18.39 -11.20
C ARG B 192 15.10 -17.40 -10.42
N SER B 193 15.76 -16.35 -9.91
CA SER B 193 15.14 -15.35 -9.07
C SER B 193 15.51 -13.91 -9.39
N LEU B 194 14.57 -13.01 -9.05
CA LEU B 194 14.76 -11.58 -9.08
C LEU B 194 15.40 -11.32 -7.72
N VAL B 195 16.51 -10.60 -7.71
CA VAL B 195 17.21 -10.28 -6.47
C VAL B 195 17.03 -8.79 -6.28
N VAL B 196 16.50 -8.40 -5.13
CA VAL B 196 16.25 -6.99 -4.82
C VAL B 196 17.17 -6.62 -3.69
N VAL B 197 18.00 -5.58 -3.91
CA VAL B 197 18.89 -5.04 -2.88
C VAL B 197 18.11 -3.90 -2.23
N ASP B 198 17.77 -4.09 -0.97
CA ASP B 198 16.98 -3.16 -0.23
C ASP B 198 17.93 -2.21 0.47
N GLU B 199 18.03 -1.01 -0.07
CA GLU B 199 18.86 0.05 0.51
C GLU B 199 18.04 1.09 1.30
N ALA B 200 16.82 0.72 1.72
CA ALA B 200 15.95 1.63 2.49
C ALA B 200 16.57 2.17 3.78
N TYR B 201 17.48 1.41 4.40
CA TYR B 201 18.16 1.82 5.66
C TYR B 201 19.53 2.42 5.48
N GLN B 202 19.91 2.71 4.24
CA GLN B 202 21.26 3.18 3.94
C GLN B 202 21.27 4.68 3.96
N PRO B 203 22.03 5.31 4.89
CA PRO B 203 22.16 6.76 4.83
C PRO B 203 22.75 7.25 3.51
N PHE B 204 22.61 8.54 3.30
CA PHE B 204 23.11 9.20 2.10
C PHE B 204 24.64 9.22 2.11
N ALA B 205 25.24 9.18 0.93
CA ALA B 205 26.71 9.27 0.73
C ALA B 205 27.48 8.02 1.23
N GLN B 206 26.96 6.84 0.90
CA GLN B 206 27.55 5.54 1.23
C GLN B 206 27.68 4.68 -0.03
N GLU B 207 28.26 3.49 0.16
CA GLU B 207 28.48 2.52 -0.91
C GLU B 207 27.13 1.87 -1.27
N SER B 208 26.73 2.01 -2.54
CA SER B 208 25.44 1.54 -3.05
C SER B 208 25.61 0.60 -4.23
N TRP B 209 24.60 -0.26 -4.39
CA TRP B 209 24.51 -1.22 -5.51
C TRP B 209 23.95 -0.62 -6.78
N SER B 211 25.01 1.38 -9.21
CA SER B 211 25.83 1.24 -10.41
C SER B 211 25.89 -0.18 -10.99
N ARG B 212 25.58 -1.18 -10.18
CA ARG B 212 25.60 -2.59 -10.60
C ARG B 212 24.38 -3.03 -11.41
N LEU B 213 23.38 -2.15 -11.57
CA LEU B 213 22.24 -2.40 -12.45
C LEU B 213 22.70 -2.68 -13.88
N THR B 214 23.81 -2.05 -14.27
CA THR B 214 24.50 -2.27 -15.55
C THR B 214 25.01 -3.71 -15.71
N ASP B 215 25.44 -4.32 -14.60
CA ASP B 215 26.07 -5.65 -14.60
C ASP B 215 25.20 -6.86 -14.39
N PHE B 216 24.06 -6.69 -13.73
CA PHE B 216 23.17 -7.83 -13.43
C PHE B 216 21.76 -7.59 -13.92
N GLY B 217 21.29 -8.48 -14.79
CA GLY B 217 19.98 -8.38 -15.35
C GLY B 217 18.81 -8.82 -14.49
N ASN B 218 19.08 -9.43 -13.33
CA ASN B 218 18.08 -9.87 -12.36
C ASN B 218 18.14 -9.08 -11.05
N LEU B 219 18.76 -7.89 -11.13
CA LEU B 219 18.90 -7.01 -9.99
C LEU B 219 17.98 -5.79 -10.11
N LEU B 220 17.38 -5.43 -8.97
CA LEU B 220 16.64 -4.18 -8.76
C LEU B 220 17.20 -3.57 -7.47
N VAL B 221 17.31 -2.26 -7.43
CA VAL B 221 17.81 -1.55 -6.22
C VAL B 221 16.70 -0.65 -5.69
N ARG B 223 15.34 2.05 -2.67
CA ARG B 223 15.80 3.10 -1.75
C ARG B 223 14.68 4.01 -1.34
N THR B 224 14.94 4.90 -0.38
CA THR B 224 14.00 5.94 -0.01
C THR B 224 14.75 7.27 -0.02
N VAL B 225 13.98 8.36 -0.08
CA VAL B 225 14.53 9.70 -0.02
C VAL B 225 14.16 10.23 1.36
N SER B 226 15.08 10.98 1.98
CA SER B 226 14.84 11.59 3.28
C SER B 226 13.62 12.49 3.22
N LYS B 227 12.83 12.50 4.29
CA LYS B 227 11.67 13.39 4.41
C LYS B 227 12.03 14.61 5.27
N LEU B 228 13.33 14.81 5.50
CA LEU B 228 13.87 15.96 6.23
C LEU B 228 13.25 16.17 7.62
N GLY B 229 12.92 15.06 8.27
CA GLY B 229 12.30 15.06 9.57
C GLY B 229 10.85 15.50 9.63
N LEU B 230 10.19 15.67 8.49
CA LEU B 230 8.77 16.04 8.44
C LEU B 230 7.90 14.82 8.79
N ALA B 231 6.67 15.08 9.21
CA ALA B 231 5.72 14.01 9.53
C ALA B 231 5.18 13.43 8.21
N GLY B 232 4.95 12.12 8.21
CA GLY B 232 4.38 11.43 7.06
C GLY B 232 5.25 10.34 6.49
N ILE B 233 5.03 10.06 5.20
CA ILE B 233 5.69 8.99 4.43
C ILE B 233 6.92 9.53 3.68
N ARG B 234 7.93 8.69 3.52
CA ARG B 234 9.11 8.98 2.69
C ARG B 234 8.83 8.50 1.31
N LEU B 235 9.40 9.19 0.32
CA LEU B 235 9.32 8.68 -1.05
C LEU B 235 10.16 7.41 -1.09
N GLY B 236 9.60 6.35 -1.66
CA GLY B 236 10.31 5.12 -1.90
C GLY B 236 10.44 4.98 -3.40
N TYR B 237 11.52 4.34 -3.84
CA TYR B 237 11.69 4.08 -5.28
C TYR B 237 12.53 2.83 -5.51
N VAL B 238 12.34 2.24 -6.69
CA VAL B 238 13.08 1.07 -7.11
C VAL B 238 13.68 1.45 -8.47
N ALA B 239 14.99 1.22 -8.62
CA ALA B 239 15.68 1.47 -9.89
C ALA B 239 15.98 0.11 -10.54
N GLY B 240 15.89 0.06 -11.85
CA GLY B 240 16.19 -1.15 -12.57
C GLY B 240 15.86 -1.03 -14.03
N ASP B 241 15.93 -2.15 -14.73
CA ASP B 241 15.69 -2.20 -16.16
C ASP B 241 14.19 -2.00 -16.48
N PRO B 242 13.86 -1.18 -17.50
CA PRO B 242 12.46 -1.01 -17.94
C PRO B 242 11.65 -2.30 -18.10
N GLN B 243 12.28 -3.39 -18.54
CA GLN B 243 11.57 -4.66 -18.72
C GLN B 243 11.06 -5.22 -17.40
N TRP B 244 11.75 -4.93 -16.30
CA TRP B 244 11.24 -5.24 -14.98
C TRP B 244 10.19 -4.21 -14.57
N LEU B 245 10.56 -2.93 -14.63
CA LEU B 245 9.69 -1.88 -14.09
C LEU B 245 8.38 -1.67 -14.84
N GLU B 246 8.35 -1.97 -16.15
CA GLU B 246 7.12 -1.89 -16.94
CA GLU B 246 7.11 -1.85 -16.91
C GLU B 246 6.07 -2.89 -16.46
N GLN B 247 6.54 -4.00 -15.87
CA GLN B 247 5.67 -5.05 -15.36
C GLN B 247 5.22 -4.67 -13.95
N LEU B 248 6.16 -4.24 -13.11
CA LEU B 248 5.84 -3.79 -11.76
C LEU B 248 4.90 -2.55 -11.77
N ASP B 249 4.99 -1.72 -12.80
CA ASP B 249 4.13 -0.54 -12.94
C ASP B 249 2.65 -0.93 -13.11
N LYS B 250 2.38 -2.13 -13.61
CA LYS B 250 1.01 -2.62 -13.81
C LYS B 250 0.21 -2.85 -12.50
N VAL B 251 0.89 -2.97 -11.36
CA VAL B 251 0.24 -3.08 -10.05
C VAL B 251 0.42 -1.78 -9.22
N ARG B 252 0.95 -0.72 -9.82
CA ARG B 252 1.12 0.56 -9.11
C ARG B 252 -0.22 1.27 -9.22
N PRO B 253 -0.87 1.62 -8.08
CA PRO B 253 -2.11 2.36 -8.20
C PRO B 253 -1.89 3.74 -8.82
N PRO B 254 -2.87 4.27 -9.57
CA PRO B 254 -2.73 5.63 -10.08
C PRO B 254 -2.70 6.65 -8.93
N TYR B 255 -1.87 7.69 -9.08
CA TYR B 255 -1.71 8.75 -8.08
C TYR B 255 -1.43 8.18 -6.68
N ASN B 256 -0.56 7.18 -6.62
CA ASN B 256 -0.25 6.47 -5.36
C ASN B 256 0.51 7.29 -4.34
N VAL B 257 1.34 8.24 -4.79
CA VAL B 257 2.17 9.07 -3.94
C VAL B 257 1.60 10.49 -3.81
N ASN B 258 1.48 10.95 -2.56
CA ASN B 258 0.92 12.28 -2.24
C ASN B 258 1.87 13.36 -2.73
N VAL B 259 1.31 14.46 -3.24
CA VAL B 259 2.10 15.55 -3.82
C VAL B 259 3.09 16.18 -2.84
N LEU B 260 2.76 16.15 -1.54
CA LEU B 260 3.66 16.67 -0.48
C LEU B 260 4.83 15.72 -0.26
N THR B 261 4.60 14.42 -0.38
CA THR B 261 5.67 13.42 -0.31
C THR B 261 6.68 13.66 -1.42
N GLU B 262 6.17 13.86 -2.64
CA GLU B 262 7.01 14.15 -3.81
C GLU B 262 7.71 15.49 -3.71
N ALA B 263 7.00 16.53 -3.24
CA ALA B 263 7.59 17.87 -3.08
C ALA B 263 8.77 17.88 -2.12
N THR B 264 8.60 17.20 -0.99
CA THR B 264 9.65 17.10 0.03
C THR B 264 10.85 16.31 -0.52
N ALA B 265 10.57 15.22 -1.22
CA ALA B 265 11.61 14.42 -1.89
C ALA B 265 12.43 15.28 -2.86
N LEU B 266 11.76 16.12 -3.66
CA LEU B 266 12.46 16.99 -4.64
C LEU B 266 13.31 18.06 -3.91
N PHE B 267 12.73 18.66 -2.87
CA PHE B 267 13.44 19.63 -2.05
C PHE B 267 14.73 19.01 -1.50
N ALA B 268 14.62 17.79 -0.95
CA ALA B 268 15.78 17.05 -0.43
C ALA B 268 16.81 16.71 -1.51
N LEU B 269 16.37 16.25 -2.69
CA LEU B 269 17.29 15.94 -3.80
C LEU B 269 17.98 17.19 -4.34
N GLU B 270 17.38 18.36 -4.15
CA GLU B 270 18.00 19.65 -4.53
C GLU B 270 18.88 20.27 -3.43
N HIS B 271 18.97 19.64 -2.25
CA HIS B 271 19.80 20.10 -1.14
C HIS B 271 20.64 18.96 -0.60
N VAL B 272 21.45 18.39 -1.50
CA VAL B 272 22.31 17.24 -1.19
C VAL B 272 23.27 17.52 -0.04
N ALA B 273 23.84 18.73 0.02
CA ALA B 273 24.75 19.14 1.11
C ALA B 273 24.14 18.92 2.50
N VAL B 274 22.83 19.17 2.62
CA VAL B 274 22.07 18.93 3.86
C VAL B 274 22.02 17.42 4.13
N LEU B 275 21.78 16.62 3.09
CA LEU B 275 21.80 15.16 3.24
C LEU B 275 23.22 14.70 3.65
N ASP B 276 24.26 15.38 3.15
CA ASP B 276 25.65 15.07 3.53
C ASP B 276 25.92 15.40 4.98
N GLU B 277 25.42 16.55 5.45
CA GLU B 277 25.53 16.96 6.86
C GLU B 277 24.75 16.00 7.79
N GLN B 278 23.58 15.51 7.36
CA GLN B 278 22.81 14.50 8.11
C GLN B 278 23.67 13.25 8.27
N ALA B 279 24.27 12.80 7.17
CA ALA B 279 25.14 11.64 7.16
C ALA B 279 26.32 11.83 8.12
N ALA B 280 26.93 13.00 8.09
CA ALA B 280 28.08 13.33 8.96
C ALA B 280 27.71 13.32 10.43
N GLN B 281 26.56 13.92 10.78
CA GLN B 281 26.10 13.93 12.18
C GLN B 281 25.75 12.51 12.65
N LEU B 282 25.17 11.69 11.77
CA LEU B 282 24.86 10.29 12.09
C LEU B 282 26.12 9.47 12.40
N ARG B 283 27.16 9.57 11.56
CA ARG B 283 28.44 8.90 11.82
C ARG B 283 28.93 9.23 13.24
N ALA B 284 29.00 10.52 13.57
CA ALA B 284 29.49 10.99 14.88
C ALA B 284 28.66 10.48 16.06
N GLU B 285 27.37 10.75 16.02
CA GLU B 285 26.44 10.31 17.08
C GLU B 285 26.32 8.79 17.21
N ARG B 286 26.38 8.07 16.10
CA ARG B 286 26.31 6.61 16.14
C ARG B 286 27.52 6.02 16.86
N SER B 287 28.71 6.62 16.66
CA SER B 287 29.94 6.23 17.38
C SER B 287 29.86 6.50 18.87
N ARG B 288 29.25 7.63 19.21
CA ARG B 288 29.04 8.03 20.58
C ARG B 288 28.15 7.05 21.33
N VAL B 289 26.99 6.75 20.75
CA VAL B 289 26.02 5.86 21.35
C VAL B 289 26.61 4.46 21.45
N ALA B 290 27.20 3.95 20.36
CA ALA B 290 27.86 2.64 20.35
C ALA B 290 28.90 2.52 21.47
N GLU B 291 29.78 3.53 21.61
CA GLU B 291 30.81 3.48 22.63
C GLU B 291 30.17 3.44 24.03
N GLY B 292 29.23 4.35 24.26
CA GLY B 292 28.52 4.47 25.55
C GLY B 292 27.84 3.18 25.96
N ALA B 294 28.55 -0.02 24.72
CA ALA B 294 29.59 -1.06 24.79
C ALA B 294 30.50 -1.00 26.02
N ALA B 295 30.53 0.16 26.67
CA ALA B 295 31.29 0.36 27.91
C ALA B 295 30.76 -0.46 29.09
N HIS B 296 29.47 -0.81 29.05
CA HIS B 296 28.81 -1.54 30.13
C HIS B 296 29.13 -3.01 30.04
N GLY B 297 29.34 -3.67 31.18
CA GLY B 297 29.63 -5.10 31.23
C GLY B 297 28.39 -5.85 30.77
N GLY B 298 28.59 -6.94 30.04
CA GLY B 298 27.49 -7.74 29.52
C GLY B 298 26.81 -7.19 28.28
N VAL B 299 27.23 -5.99 27.81
CA VAL B 299 26.63 -5.35 26.62
C VAL B 299 27.51 -5.61 25.39
N THR B 300 26.93 -6.15 24.32
CA THR B 300 27.62 -6.32 23.03
C THR B 300 26.94 -5.39 22.06
N VAL B 301 27.65 -4.39 21.53
CA VAL B 301 27.08 -3.55 20.46
C VAL B 301 27.56 -4.20 19.14
N PHE B 302 26.64 -4.41 18.21
CA PHE B 302 26.97 -5.02 16.92
C PHE B 302 27.26 -3.94 15.87
N PRO B 303 28.20 -4.19 14.92
CA PRO B 303 28.56 -3.15 13.96
C PRO B 303 27.41 -2.71 13.06
N SER B 304 27.42 -1.42 12.74
CA SER B 304 26.36 -0.79 11.98
C SER B 304 26.82 0.32 11.05
N ALA B 305 26.16 0.39 9.91
CA ALA B 305 26.30 1.46 8.91
C ALA B 305 24.88 2.02 8.63
N ALA B 306 23.98 1.95 9.62
CA ALA B 306 22.56 2.36 9.51
C ALA B 306 22.27 3.44 10.52
N ASN B 307 21.01 3.93 10.59
CA ASN B 307 20.56 4.97 11.54
CA ASN B 307 20.62 4.98 11.57
C ASN B 307 20.28 4.47 12.98
N PHE B 308 20.57 3.20 13.23
CA PHE B 308 20.32 2.54 14.52
C PHE B 308 21.46 1.56 14.83
N LEU B 309 21.46 1.07 16.07
CA LEU B 309 22.44 0.09 16.56
C LEU B 309 21.69 -1.08 17.22
N LEU B 310 22.13 -2.32 16.96
CA LEU B 310 21.60 -3.49 17.66
C LEU B 310 22.58 -3.76 18.83
N ALA B 311 22.03 -4.03 20.01
CA ALA B 311 22.84 -4.37 21.19
C ALA B 311 22.22 -5.50 21.98
N ARG B 312 23.07 -6.42 22.45
CA ARG B 312 22.66 -7.53 23.31
CA ARG B 312 22.63 -7.52 23.30
C ARG B 312 23.04 -7.13 24.71
N VAL B 313 22.09 -7.27 25.64
CA VAL B 313 22.22 -6.94 27.02
C VAL B 313 21.95 -8.20 27.85
N PRO B 314 22.32 -8.21 29.14
CA PRO B 314 21.99 -9.35 30.03
C PRO B 314 20.52 -9.78 30.07
N ASP B 315 19.61 -8.81 30.16
CA ASP B 315 18.17 -9.07 30.20
C ASP B 315 17.42 -7.98 29.45
N ALA B 316 17.08 -8.25 28.19
CA ALA B 316 16.42 -7.24 27.35
C ALA B 316 15.04 -6.78 27.83
N ALA B 317 14.22 -7.73 28.31
CA ALA B 317 12.86 -7.42 28.83
C ALA B 317 12.98 -6.44 30.00
N GLN B 318 13.92 -6.72 30.89
CA GLN B 318 14.18 -5.86 32.05
C GLN B 318 14.74 -4.49 31.65
N THR B 319 15.69 -4.47 30.70
CA THR B 319 16.28 -3.19 30.24
C THR B 319 15.21 -2.34 29.55
N PHE B 320 14.41 -2.96 28.69
CA PHE B 320 13.28 -2.27 28.01
C PHE B 320 12.29 -1.61 29.00
N ASP B 321 11.87 -2.38 30.01
CA ASP B 321 10.94 -1.87 31.03
C ASP B 321 11.55 -0.76 31.86
N ARG B 322 12.81 -0.94 32.25
CA ARG B 322 13.53 0.10 33.01
C ARG B 322 13.71 1.39 32.20
N LEU B 323 14.06 1.26 30.90
CA LEU B 323 14.19 2.43 30.00
C LEU B 323 12.82 3.14 29.84
N LEU B 324 11.77 2.34 29.69
CA LEU B 324 10.39 2.84 29.52
C LEU B 324 9.92 3.57 30.78
N ALA B 325 10.21 2.98 31.94
CA ALA B 325 9.95 3.62 33.25
C ALA B 325 10.70 4.97 33.39
N ARG B 326 11.84 5.09 32.67
CA ARG B 326 12.65 6.32 32.63
CA ARG B 326 12.66 6.31 32.61
C ARG B 326 12.29 7.21 31.41
N LYS B 327 11.18 6.89 30.74
CA LYS B 327 10.62 7.66 29.62
C LYS B 327 11.44 7.64 28.32
N VAL B 328 12.11 6.51 28.07
CA VAL B 328 12.89 6.28 26.84
C VAL B 328 12.35 5.02 26.22
N LEU B 329 11.96 5.09 24.94
CA LEU B 329 11.40 3.98 24.21
C LEU B 329 12.33 3.52 23.10
N ILE B 330 12.77 2.28 23.19
CA ILE B 330 13.58 1.62 22.15
C ILE B 330 12.80 0.40 21.65
N LYS B 331 13.34 -0.28 20.66
CA LYS B 331 12.69 -1.42 20.04
C LYS B 331 13.24 -2.70 20.64
N ASN B 332 12.36 -3.50 21.27
CA ASN B 332 12.74 -4.79 21.81
C ASN B 332 12.48 -5.78 20.71
N VAL B 333 13.55 -6.21 20.06
CA VAL B 333 13.48 -7.23 19.00
C VAL B 333 13.82 -8.65 19.49
N SER B 334 13.98 -8.83 20.81
CA SER B 334 14.41 -10.09 21.44
C SER B 334 13.71 -11.37 21.07
N LYS B 335 12.41 -11.28 20.89
CA LYS B 335 11.56 -12.44 20.59
C LYS B 335 11.37 -12.70 19.10
N HIS B 337 13.47 -13.35 16.61
CA HIS B 337 14.27 -14.41 16.03
C HIS B 337 15.20 -14.93 17.15
N PRO B 338 15.47 -16.25 17.21
CA PRO B 338 16.42 -16.85 18.18
C PRO B 338 17.76 -16.11 18.22
N LEU B 339 18.29 -15.75 17.05
CA LEU B 339 19.53 -14.99 16.95
C LEU B 339 19.45 -13.59 17.58
N LEU B 340 18.25 -13.04 17.76
CA LEU B 340 18.03 -11.74 18.44
C LEU B 340 17.77 -11.86 19.95
N ALA B 341 17.93 -13.05 20.55
CA ALA B 341 17.74 -13.25 21.99
C ALA B 341 18.46 -12.15 22.74
N ASN B 342 17.76 -11.51 23.66
CA ASN B 342 18.26 -10.40 24.44
C ASN B 342 18.81 -9.18 23.68
N CYS B 343 18.34 -8.96 22.44
CA CYS B 343 18.76 -7.83 21.63
C CYS B 343 17.70 -6.71 21.61
N LEU B 344 18.19 -5.47 21.67
CA LEU B 344 17.43 -4.24 21.60
C LEU B 344 17.97 -3.41 20.42
N ARG B 345 17.07 -2.82 19.64
CA ARG B 345 17.47 -1.97 18.51
C ARG B 345 17.18 -0.54 18.92
N VAL B 346 18.25 0.27 18.94
CA VAL B 346 18.22 1.67 19.37
C VAL B 346 18.51 2.58 18.17
N THR B 347 17.58 3.52 17.90
CA THR B 347 17.70 4.50 16.83
C THR B 347 18.58 5.65 17.24
N VAL B 348 19.53 6.01 16.38
CA VAL B 348 20.44 7.13 16.67
C VAL B 348 19.65 8.39 16.32
N SER B 349 19.57 9.31 17.28
CA SER B 349 18.79 10.54 17.16
C SER B 349 19.67 11.78 17.38
N THR B 350 19.09 12.82 17.98
CA THR B 350 19.77 14.08 18.21
C THR B 350 20.69 13.92 19.40
N PRO B 351 21.76 14.75 19.49
CA PRO B 351 22.63 14.72 20.67
C PRO B 351 21.89 14.65 21.98
N GLU B 352 20.88 15.51 22.16
CA GLU B 352 20.11 15.57 23.43
C GLU B 352 19.40 14.25 23.69
N GLU B 353 18.70 13.72 22.69
CA GLU B 353 18.02 12.45 22.85
C GLU B 353 18.98 11.29 23.10
N ASN B 354 20.14 11.31 22.44
CA ASN B 354 21.17 10.27 22.61
C ASN B 354 21.76 10.32 24.03
N ALA B 355 21.97 11.53 24.54
CA ALA B 355 22.46 11.74 25.92
C ALA B 355 21.44 11.18 26.94
N GLN B 356 20.16 11.49 26.74
CA GLN B 356 19.05 10.98 27.59
C GLN B 356 18.97 9.45 27.55
N PHE B 357 19.17 8.89 26.37
CA PHE B 357 19.19 7.43 26.23
C PHE B 357 20.33 6.80 27.04
N LEU B 358 21.56 7.27 26.80
CA LEU B 358 22.74 6.71 27.48
C LEU B 358 22.66 6.91 29.00
N GLU B 359 22.07 8.02 29.44
CA GLU B 359 21.82 8.27 30.87
C GLU B 359 20.84 7.21 31.42
N ALA B 360 19.74 7.00 30.71
CA ALA B 360 18.70 6.05 31.10
C ALA B 360 19.19 4.61 31.01
N PHE B 361 19.97 4.31 29.97
CA PHE B 361 20.55 2.99 29.72
C PHE B 361 21.51 2.61 30.85
N ALA B 362 22.39 3.54 31.20
CA ALA B 362 23.35 3.36 32.29
C ALA B 362 22.66 3.13 33.62
N ALA B 363 21.59 3.88 33.90
CA ALA B 363 20.83 3.73 35.17
C ALA B 363 20.06 2.42 35.22
N SER B 364 19.56 1.98 34.06
CA SER B 364 18.78 0.74 33.95
C SER B 364 19.61 -0.53 34.06
N LEU B 365 20.92 -0.45 33.89
CA LEU B 365 21.79 -1.62 33.95
C LEU B 365 22.32 -1.87 35.37
N GLN B 366 22.39 -0.83 36.21
CA GLN B 366 22.86 -0.96 37.62
C GLN B 366 22.03 -1.93 38.49
#